data_8SD5
#
_entry.id   8SD5
#
_cell.length_a   73.729
_cell.length_b   75.744
_cell.length_c   179.578
_cell.angle_alpha   90.00
_cell.angle_beta   90.00
_cell.angle_gamma   90.00
#
_symmetry.space_group_name_H-M   'P 21 21 21'
#
loop_
_entity.id
_entity.type
_entity.pdbx_description
1 polymer '6-hydroxymethyl-7,8-dihydropterin pyrophosphokinase'
2 non-polymer 'SULFATE ION'
3 water water
#
_entity_poly.entity_id   1
_entity_poly.type   'polypeptide(L)'
_entity_poly.pdbx_seq_one_letter_code
;MDMKEWEIFYNKIMEDFGFDKDKDVESAVILNNILENANTIPVDKLKDIIEGREVFIFGAGPSIKKHINILKELREINYK
NPIIVADGACKAFLEENIIPDIIVSDLDGDLEALFECNRKGSIIVVHAHGDNIEKIKKYVPKLKNVVGSCQIPNYKELNL
RNVINFGGFTDGDRCCFLAYHFKAKKLILGGMDFGIYITKYSRPNIKEDIAIGDEIKIKKLEYAKTLINYLKDKIEIEFL
K
;
_entity_poly.pdbx_strand_id   A,B,C,D
#
loop_
_chem_comp.id
_chem_comp.type
_chem_comp.name
_chem_comp.formula
SO4 non-polymer 'SULFATE ION' 'O4 S -2'
#
# COMPACT_ATOMS: atom_id res chain seq x y z
N MET A 1 -4.82 12.26 0.64
CA MET A 1 -4.25 11.08 1.29
C MET A 1 -2.89 11.50 1.86
N ASP A 2 -2.82 12.80 2.16
CA ASP A 2 -1.63 13.45 2.70
C ASP A 2 -2.06 14.65 3.54
N MET A 3 -1.09 15.19 4.27
CA MET A 3 -1.30 16.40 5.04
C MET A 3 -0.35 17.54 4.73
N LYS A 4 0.74 17.30 4.00
CA LYS A 4 1.50 18.41 3.44
C LYS A 4 1.05 18.75 2.03
N GLU A 5 0.04 18.04 1.51
CA GLU A 5 -0.84 18.56 0.48
C GLU A 5 -1.90 19.47 1.07
N TRP A 6 -2.09 19.42 2.38
CA TRP A 6 -2.93 20.42 3.04
C TRP A 6 -2.21 21.76 3.10
N GLU A 7 -0.88 21.73 3.21
CA GLU A 7 -0.08 22.95 3.13
C GLU A 7 -0.32 23.66 1.81
N ILE A 8 -0.56 22.90 0.74
CA ILE A 8 -0.93 23.47 -0.55
C ILE A 8 -2.30 24.14 -0.45
N PHE A 9 -3.26 23.41 0.12
CA PHE A 9 -4.63 23.90 0.26
C PHE A 9 -4.67 25.15 1.14
N TYR A 10 -3.91 25.16 2.23
CA TYR A 10 -3.78 26.36 3.06
C TYR A 10 -3.41 27.56 2.20
N ASN A 11 -2.50 27.36 1.26
CA ASN A 11 -2.08 28.46 0.39
C ASN A 11 -3.21 28.89 -0.53
N LYS A 12 -3.94 27.93 -1.10
CA LYS A 12 -5.06 28.29 -1.96
C LYS A 12 -6.12 29.07 -1.20
N ILE A 13 -6.43 28.68 0.04
CA ILE A 13 -7.45 29.41 0.80
C ILE A 13 -6.99 30.83 1.13
N MET A 14 -5.77 30.95 1.67
CA MET A 14 -5.34 32.24 2.18
C MET A 14 -5.27 33.26 1.05
N GLU A 15 -4.67 32.86 -0.07
CA GLU A 15 -4.65 33.74 -1.22
C GLU A 15 -6.03 33.92 -1.82
N ASP A 16 -6.88 32.87 -1.81
CA ASP A 16 -8.24 33.02 -2.31
C ASP A 16 -8.98 34.12 -1.56
N PHE A 17 -9.13 33.95 -0.24
CA PHE A 17 -9.83 34.94 0.57
C PHE A 17 -8.99 36.18 0.82
N GLY A 18 -7.67 36.09 0.74
CA GLY A 18 -6.83 37.23 1.05
C GLY A 18 -6.62 37.40 2.54
N PHE A 19 -6.16 36.34 3.20
CA PHE A 19 -5.87 36.38 4.63
C PHE A 19 -4.38 36.65 4.82
N ASP A 20 -4.07 37.52 5.77
CA ASP A 20 -2.68 37.75 6.11
C ASP A 20 -2.14 36.45 6.72
N LYS A 21 -1.29 35.75 5.97
CA LYS A 21 -0.65 34.55 6.52
C LYS A 21 0.17 34.90 7.74
N ASP A 22 0.44 36.18 7.94
CA ASP A 22 1.37 36.59 8.99
C ASP A 22 0.64 36.86 10.29
N LYS A 23 -0.59 37.37 10.22
CA LYS A 23 -1.43 37.37 11.40
C LYS A 23 -1.81 35.94 11.80
N ASP A 24 -1.79 35.01 10.84
CA ASP A 24 -2.08 33.60 11.13
C ASP A 24 -1.01 33.02 12.03
N VAL A 25 0.22 32.99 11.55
CA VAL A 25 1.32 32.45 12.33
C VAL A 25 1.48 33.20 13.65
N GLU A 26 1.21 34.51 13.66
CA GLU A 26 1.37 35.30 14.87
C GLU A 26 0.40 34.84 15.97
N SER A 27 -0.85 34.49 15.61
CA SER A 27 -1.79 34.05 16.63
C SER A 27 -1.44 32.66 17.12
N ALA A 28 -0.77 31.86 16.29
CA ALA A 28 -0.29 30.55 16.73
C ALA A 28 0.88 30.68 17.69
N VAL A 29 1.75 31.69 17.51
CA VAL A 29 2.84 31.89 18.45
C VAL A 29 2.34 32.45 19.76
N ILE A 30 1.38 33.37 19.71
CA ILE A 30 0.75 33.86 20.93
C ILE A 30 0.05 32.71 21.66
N LEU A 31 -0.62 31.82 20.90
CA LEU A 31 -1.37 30.75 21.55
C LEU A 31 -0.44 29.76 22.24
N ASN A 32 0.60 29.29 21.53
CA ASN A 32 1.53 28.36 22.15
C ASN A 32 2.21 28.97 23.36
N ASN A 33 2.47 30.28 23.33
CA ASN A 33 3.07 30.96 24.47
C ASN A 33 2.12 30.97 25.66
N ILE A 34 0.82 31.20 25.41
CA ILE A 34 -0.16 31.24 26.50
C ILE A 34 -0.35 29.85 27.10
N LEU A 35 -0.36 28.81 26.26
CA LEU A 35 -0.65 27.45 26.69
C LEU A 35 0.53 26.80 27.39
N GLU A 36 1.68 27.45 27.45
CA GLU A 36 2.82 26.88 28.18
C GLU A 36 2.53 26.81 29.67
N ASN A 37 1.69 27.71 30.19
CA ASN A 37 1.39 27.82 31.62
C ASN A 37 -0.11 28.01 31.85
N ALA A 38 -0.92 27.20 31.17
CA ALA A 38 -2.37 27.39 31.20
C ALA A 38 -3.08 26.09 31.59
N ASN A 39 -4.38 26.23 31.82
CA ASN A 39 -5.23 25.10 32.21
C ASN A 39 -5.50 24.26 30.96
N THR A 40 -4.49 23.49 30.58
CA THR A 40 -4.57 22.69 29.36
C THR A 40 -5.19 21.31 29.64
N ILE A 41 -5.26 20.48 28.61
CA ILE A 41 -5.73 19.11 28.71
C ILE A 41 -4.72 18.21 28.03
N PRO A 42 -4.22 17.18 28.71
CA PRO A 42 -3.32 16.25 28.03
C PRO A 42 -4.01 15.82 26.75
N VAL A 43 -3.46 16.21 25.59
CA VAL A 43 -4.18 16.01 24.33
C VAL A 43 -4.53 14.55 24.09
N ASP A 44 -3.94 13.63 24.86
CA ASP A 44 -4.26 12.23 24.73
C ASP A 44 -5.52 11.81 25.47
N LYS A 45 -6.12 12.71 26.27
CA LYS A 45 -7.45 12.42 26.83
C LYS A 45 -8.52 12.47 25.75
N LEU A 46 -8.27 13.21 24.67
CA LEU A 46 -9.19 13.22 23.55
C LEU A 46 -9.12 11.95 22.73
N LYS A 47 -8.00 11.23 22.81
CA LYS A 47 -7.92 9.93 22.17
C LYS A 47 -8.81 8.91 22.88
N ASP A 48 -8.80 8.90 24.22
CA ASP A 48 -9.72 8.02 24.96
C ASP A 48 -11.16 8.30 24.55
N ILE A 49 -11.51 9.58 24.43
CA ILE A 49 -12.91 9.95 24.23
C ILE A 49 -13.38 9.59 22.83
N ILE A 50 -12.47 9.63 21.85
CA ILE A 50 -12.83 9.51 20.44
C ILE A 50 -12.48 8.13 19.87
N GLU A 51 -11.29 7.61 20.15
CA GLU A 51 -10.80 6.41 19.48
C GLU A 51 -11.81 5.28 19.56
N GLY A 52 -12.16 4.73 18.38
CA GLY A 52 -13.06 3.61 18.29
C GLY A 52 -14.54 3.93 18.36
N ARG A 53 -14.90 5.12 18.87
CA ARG A 53 -16.31 5.44 19.06
C ARG A 53 -16.92 6.08 17.80
N GLU A 54 -18.21 6.38 17.91
CA GLU A 54 -19.02 6.85 16.80
C GLU A 54 -19.49 8.26 17.17
N VAL A 55 -18.63 9.25 16.91
CA VAL A 55 -18.88 10.57 17.45
C VAL A 55 -19.98 11.29 16.68
N PHE A 56 -20.55 12.32 17.33
CA PHE A 56 -21.53 13.21 16.75
C PHE A 56 -20.88 14.58 16.62
N ILE A 57 -20.99 15.19 15.45
CA ILE A 57 -20.46 16.53 15.22
C ILE A 57 -21.59 17.46 14.83
N PHE A 58 -21.85 18.47 15.67
CA PHE A 58 -22.95 19.40 15.46
C PHE A 58 -22.44 20.79 15.11
N GLY A 59 -22.92 21.32 13.99
CA GLY A 59 -22.68 22.70 13.57
C GLY A 59 -23.81 23.59 14.01
N ALA A 60 -24.16 24.56 13.15
CA ALA A 60 -25.18 25.56 13.52
C ALA A 60 -26.23 25.74 12.43
N GLY A 61 -26.76 24.63 11.93
CA GLY A 61 -27.60 24.67 10.77
C GLY A 61 -29.02 25.06 11.10
N PRO A 62 -29.85 25.12 10.06
CA PRO A 62 -31.29 25.28 10.27
C PRO A 62 -31.94 24.06 10.93
N SER A 63 -31.19 22.99 11.16
CA SER A 63 -31.70 21.76 11.73
C SER A 63 -31.15 21.51 13.12
N ILE A 64 -30.64 22.56 13.76
CA ILE A 64 -29.90 22.39 15.01
C ILE A 64 -30.81 21.90 16.13
N LYS A 65 -31.94 22.57 16.35
CA LYS A 65 -32.77 22.21 17.49
C LYS A 65 -33.65 20.97 17.26
N LYS A 66 -33.92 20.60 16.01
CA LYS A 66 -34.69 19.39 15.74
C LYS A 66 -33.82 18.18 15.41
N HIS A 67 -32.51 18.38 15.26
CA HIS A 67 -31.56 17.28 15.32
C HIS A 67 -31.16 16.98 16.76
N ILE A 68 -31.16 17.99 17.63
CA ILE A 68 -30.72 17.78 19.02
C ILE A 68 -31.71 16.93 19.80
N ASN A 69 -33.01 17.09 19.52
CA ASN A 69 -33.98 16.24 20.20
C ASN A 69 -33.90 14.79 19.72
N ILE A 70 -33.45 14.59 18.48
CA ILE A 70 -33.06 13.24 18.06
C ILE A 70 -31.97 12.70 18.97
N LEU A 71 -30.97 13.53 19.26
CA LEU A 71 -29.91 13.15 20.17
C LEU A 71 -30.46 12.86 21.56
N LYS A 72 -31.48 13.63 21.98
CA LYS A 72 -32.09 13.42 23.28
C LYS A 72 -32.64 12.01 23.38
N GLU A 73 -33.43 11.61 22.40
CA GLU A 73 -34.11 10.34 22.51
C GLU A 73 -33.15 9.17 22.34
N LEU A 74 -32.22 9.27 21.38
CA LEU A 74 -31.22 8.22 21.21
C LEU A 74 -30.40 8.01 22.47
N ARG A 75 -30.28 9.03 23.31
CA ARG A 75 -29.44 8.95 24.50
C ARG A 75 -30.02 8.02 25.55
N GLU A 76 -31.34 7.86 25.61
CA GLU A 76 -31.95 7.01 26.62
C GLU A 76 -32.24 5.59 26.12
N ILE A 77 -31.44 5.13 25.17
CA ILE A 77 -31.35 3.74 24.74
C ILE A 77 -30.07 3.11 25.30
N ASN A 78 -29.50 3.72 26.35
CA ASN A 78 -28.13 3.41 26.77
C ASN A 78 -27.18 3.56 25.58
N TYR A 79 -27.51 4.49 24.70
CA TYR A 79 -26.71 4.84 23.54
C TYR A 79 -26.29 6.30 23.71
N LYS A 80 -25.10 6.52 24.26
CA LYS A 80 -24.54 7.86 24.45
C LYS A 80 -23.12 7.90 23.93
N ASN A 81 -22.89 8.71 22.90
CA ASN A 81 -21.61 8.76 22.24
C ASN A 81 -20.99 10.13 22.41
N PRO A 82 -19.67 10.22 22.35
CA PRO A 82 -19.03 11.53 22.43
C PRO A 82 -19.61 12.54 21.46
N ILE A 83 -19.85 13.76 21.93
CA ILE A 83 -20.39 14.84 21.10
C ILE A 83 -19.34 15.94 20.92
N ILE A 84 -19.24 16.45 19.70
CA ILE A 84 -18.43 17.61 19.34
C ILE A 84 -19.34 18.66 18.73
N VAL A 85 -19.15 19.91 19.15
CA VAL A 85 -20.01 21.03 18.72
C VAL A 85 -19.14 22.09 18.07
N ALA A 86 -19.64 22.74 17.03
CA ALA A 86 -18.88 23.78 16.32
C ALA A 86 -19.22 25.14 16.90
N ASP A 87 -18.23 25.79 17.50
CA ASP A 87 -18.33 27.13 18.12
C ASP A 87 -19.63 27.32 18.89
N GLY A 88 -20.40 28.35 18.51
CA GLY A 88 -21.63 28.82 19.16
C GLY A 88 -22.79 27.87 19.26
N ALA A 89 -22.75 26.71 18.62
CA ALA A 89 -23.85 25.72 18.69
C ALA A 89 -24.04 25.25 20.13
N CYS A 90 -23.11 25.52 21.03
CA CYS A 90 -23.25 24.98 22.38
C CYS A 90 -24.41 25.64 23.12
N LYS A 91 -24.78 26.85 22.75
CA LYS A 91 -25.97 27.38 23.38
C LYS A 91 -27.19 26.52 23.07
N ALA A 92 -27.22 25.88 21.88
CA ALA A 92 -28.30 24.95 21.57
C ALA A 92 -28.32 23.78 22.53
N PHE A 93 -27.16 23.29 22.94
CA PHE A 93 -27.12 22.15 23.82
C PHE A 93 -27.32 22.56 25.28
N LEU A 94 -26.85 23.76 25.63
CA LEU A 94 -27.16 24.35 26.92
C LEU A 94 -28.66 24.57 27.08
N GLU A 95 -29.36 24.87 25.98
CA GLU A 95 -30.79 25.10 25.99
C GLU A 95 -31.59 23.80 25.98
N GLU A 96 -30.94 22.67 25.70
CA GLU A 96 -31.56 21.34 25.79
C GLU A 96 -30.92 20.50 26.88
N ASN A 97 -30.18 21.14 27.79
CA ASN A 97 -29.51 20.47 28.91
C ASN A 97 -28.54 19.38 28.45
N ILE A 98 -27.95 19.53 27.27
CA ILE A 98 -26.91 18.62 26.78
C ILE A 98 -25.58 19.35 26.87
N ILE A 99 -24.57 18.68 27.41
CA ILE A 99 -23.26 19.30 27.60
C ILE A 99 -22.28 18.62 26.65
N PRO A 100 -21.78 19.33 25.64
CA PRO A 100 -20.90 18.71 24.65
C PRO A 100 -19.60 18.25 25.30
N ASP A 101 -19.15 17.07 24.90
CA ASP A 101 -17.85 16.56 25.34
C ASP A 101 -16.73 17.50 24.93
N ILE A 102 -16.72 17.93 23.66
CA ILE A 102 -15.66 18.78 23.11
C ILE A 102 -16.30 19.89 22.29
N ILE A 103 -15.74 21.09 22.41
CA ILE A 103 -16.15 22.24 21.61
C ILE A 103 -14.92 22.79 20.91
N VAL A 104 -14.91 22.74 19.57
CA VAL A 104 -13.90 23.43 18.80
C VAL A 104 -14.41 24.85 18.59
N SER A 105 -13.66 25.82 19.13
CA SER A 105 -14.07 27.22 19.06
C SER A 105 -12.88 28.13 18.76
N ASP A 106 -13.11 29.12 17.90
CA ASP A 106 -12.19 30.23 17.69
C ASP A 106 -12.67 31.51 18.38
N LEU A 107 -13.52 31.37 19.39
CA LEU A 107 -13.96 32.46 20.28
C LEU A 107 -14.74 33.58 19.57
N ASP A 108 -15.15 33.36 18.32
CA ASP A 108 -15.70 34.45 17.51
C ASP A 108 -17.06 34.96 17.98
N GLY A 109 -17.81 34.17 18.75
CA GLY A 109 -19.16 34.51 19.10
C GLY A 109 -19.28 35.18 20.45
N ASP A 110 -20.51 35.24 20.95
CA ASP A 110 -20.71 35.56 22.35
C ASP A 110 -20.31 34.34 23.17
N LEU A 111 -19.46 34.58 24.17
CA LEU A 111 -18.84 33.52 24.95
C LEU A 111 -19.65 33.17 26.20
N GLU A 112 -20.87 33.68 26.34
CA GLU A 112 -21.69 33.32 27.49
C GLU A 112 -22.05 31.83 27.47
N ALA A 113 -22.45 31.32 26.31
CA ALA A 113 -22.77 29.90 26.21
C ALA A 113 -21.54 29.03 26.40
N LEU A 114 -20.45 29.38 25.71
CA LEU A 114 -19.23 28.58 25.77
C LEU A 114 -18.71 28.47 27.19
N PHE A 115 -18.75 29.57 27.95
CA PHE A 115 -18.11 29.58 29.25
C PHE A 115 -18.87 28.70 30.24
N GLU A 116 -20.21 28.79 30.24
CA GLU A 116 -21.00 27.96 31.13
C GLU A 116 -20.80 26.47 30.82
N CYS A 117 -20.63 26.13 29.54
CA CYS A 117 -20.34 24.74 29.20
C CYS A 117 -18.95 24.32 29.67
N ASN A 118 -17.99 25.25 29.60
CA ASN A 118 -16.64 24.93 30.06
C ASN A 118 -16.64 24.51 31.52
N ARG A 119 -17.20 25.34 32.40
CA ARG A 119 -17.26 24.99 33.82
C ARG A 119 -18.04 23.70 34.06
N LYS A 120 -18.96 23.33 33.16
CA LYS A 120 -19.73 22.08 33.30
C LYS A 120 -18.98 20.84 32.82
N GLY A 121 -17.75 20.99 32.32
CA GLY A 121 -16.92 19.84 32.00
C GLY A 121 -16.54 19.70 30.55
N SER A 122 -16.88 20.69 29.73
CA SER A 122 -16.55 20.59 28.32
C SER A 122 -15.03 20.69 28.14
N ILE A 123 -14.53 20.07 27.08
CA ILE A 123 -13.17 20.30 26.60
C ILE A 123 -13.26 21.35 25.50
N ILE A 124 -12.58 22.47 25.70
CA ILE A 124 -12.61 23.58 24.74
C ILE A 124 -11.36 23.53 23.88
N VAL A 125 -11.54 23.30 22.59
CA VAL A 125 -10.47 23.28 21.62
C VAL A 125 -10.42 24.67 20.99
N VAL A 126 -9.48 25.48 21.47
CA VAL A 126 -9.31 26.87 20.96
C VAL A 126 -8.45 26.83 19.71
N HIS A 127 -8.95 27.43 18.64
CA HIS A 127 -8.26 27.45 17.33
C HIS A 127 -7.82 28.88 16.99
N ALA A 128 -6.56 29.02 16.60
CA ALA A 128 -5.95 30.34 16.32
C ALA A 128 -5.93 30.68 14.84
N HIS A 129 -6.50 31.82 14.49
CA HIS A 129 -6.45 32.36 13.13
C HIS A 129 -6.08 33.84 13.21
N GLY A 130 -6.27 34.59 12.13
CA GLY A 130 -5.79 35.96 12.11
C GLY A 130 -6.48 36.96 13.02
N ASP A 131 -7.80 36.91 13.13
CA ASP A 131 -8.59 37.98 13.74
C ASP A 131 -8.95 37.72 15.20
N ASN A 132 -8.57 36.57 15.77
CA ASN A 132 -8.94 36.22 17.14
C ASN A 132 -7.79 36.43 18.11
N ILE A 133 -6.85 37.31 17.77
CA ILE A 133 -5.63 37.46 18.57
C ILE A 133 -5.97 37.97 19.97
N GLU A 134 -6.57 39.15 20.05
CA GLU A 134 -6.84 39.74 21.35
C GLU A 134 -7.81 38.89 22.15
N LYS A 135 -8.68 38.12 21.48
CA LYS A 135 -9.58 37.22 22.19
C LYS A 135 -8.81 36.07 22.83
N ILE A 136 -7.88 35.46 22.11
CA ILE A 136 -7.06 34.41 22.68
C ILE A 136 -6.25 34.97 23.85
N LYS A 137 -5.82 36.22 23.74
CA LYS A 137 -5.00 36.84 24.77
C LYS A 137 -5.79 37.09 26.04
N LYS A 138 -7.10 37.32 25.94
CA LYS A 138 -7.93 37.60 27.11
C LYS A 138 -8.63 36.36 27.65
N TYR A 139 -9.28 35.58 26.77
CA TYR A 139 -10.24 34.59 27.22
C TYR A 139 -9.65 33.22 27.48
N VAL A 140 -8.53 32.89 26.87
CA VAL A 140 -7.91 31.60 27.13
C VAL A 140 -7.43 31.52 28.58
N PRO A 141 -6.86 32.58 29.20
CA PRO A 141 -6.55 32.48 30.63
C PRO A 141 -7.79 32.30 31.52
N LYS A 142 -8.99 32.47 31.00
CA LYS A 142 -10.20 32.39 31.82
C LYS A 142 -10.93 31.06 31.64
N LEU A 143 -10.27 30.07 31.05
CA LEU A 143 -10.88 28.81 30.68
C LEU A 143 -10.11 27.67 31.33
N LYS A 144 -10.77 26.52 31.37
CA LYS A 144 -10.21 25.31 31.91
C LYS A 144 -10.44 24.21 30.88
N ASN A 145 -9.57 23.21 30.90
CA ASN A 145 -9.64 22.08 29.97
C ASN A 145 -9.55 22.55 28.51
N VAL A 146 -8.46 23.24 28.18
CA VAL A 146 -8.32 23.88 26.89
C VAL A 146 -7.23 23.20 26.06
N VAL A 147 -7.49 23.08 24.77
CA VAL A 147 -6.58 22.47 23.80
C VAL A 147 -6.37 23.46 22.65
N GLY A 148 -5.11 23.71 22.32
CA GLY A 148 -4.79 24.74 21.33
C GLY A 148 -4.73 24.21 19.91
N SER A 149 -5.40 24.92 19.00
CA SER A 149 -5.44 24.61 17.57
C SER A 149 -5.04 25.84 16.77
N CYS A 150 -4.52 25.61 15.55
CA CYS A 150 -4.06 26.69 14.68
C CYS A 150 -4.25 26.30 13.23
N GLN A 151 -4.27 27.32 12.37
CA GLN A 151 -4.46 27.13 10.93
C GLN A 151 -3.17 26.89 10.18
N ILE A 152 -2.02 27.19 10.78
CA ILE A 152 -0.79 27.16 9.99
C ILE A 152 -0.29 25.72 9.81
N PRO A 153 0.09 25.33 8.60
CA PRO A 153 0.67 23.98 8.43
C PRO A 153 2.02 23.84 9.10
N ASN A 154 2.83 24.87 9.03
CA ASN A 154 4.19 24.82 9.57
C ASN A 154 4.19 25.17 11.06
N TYR A 155 3.55 24.33 11.86
CA TYR A 155 3.49 24.58 13.29
C TYR A 155 4.52 23.78 14.08
N LYS A 156 5.05 22.70 13.53
CA LYS A 156 6.00 21.89 14.28
C LYS A 156 7.44 22.37 14.13
N GLU A 157 7.78 22.99 13.01
CA GLU A 157 9.10 23.58 12.80
C GLU A 157 9.23 24.92 13.51
N LEU A 158 8.12 25.50 13.95
CA LEU A 158 8.15 26.75 14.70
C LEU A 158 8.21 26.49 16.20
N ASN A 159 8.39 25.23 16.61
CA ASN A 159 8.45 24.83 18.01
C ASN A 159 7.15 25.14 18.76
N LEU A 160 6.01 24.88 18.11
CA LEU A 160 4.71 25.05 18.76
C LEU A 160 4.28 23.68 19.30
N ARG A 161 4.67 23.39 20.54
CA ARG A 161 4.43 22.08 21.14
C ARG A 161 3.14 22.01 21.94
N ASN A 162 2.46 23.13 22.14
CA ASN A 162 1.17 23.13 22.81
C ASN A 162 0.04 23.31 21.80
N VAL A 163 0.36 23.22 20.52
CA VAL A 163 -0.59 23.39 19.44
C VAL A 163 -0.54 22.14 18.59
N ILE A 164 -1.67 21.81 17.99
CA ILE A 164 -1.79 20.77 16.98
C ILE A 164 -2.73 21.28 15.90
N ASN A 165 -2.48 20.89 14.66
CA ASN A 165 -3.33 21.28 13.54
C ASN A 165 -3.63 20.01 12.78
N PHE A 166 -4.89 19.63 12.69
CA PHE A 166 -5.26 18.37 12.05
C PHE A 166 -6.01 18.59 10.75
N GLY A 167 -5.89 19.77 10.18
CA GLY A 167 -6.54 20.10 8.94
C GLY A 167 -7.88 20.76 9.16
N GLY A 168 -8.35 21.43 8.11
CA GLY A 168 -9.70 21.95 8.13
C GLY A 168 -9.76 23.47 8.05
N PHE A 169 -10.75 24.00 7.34
CA PHE A 169 -10.88 25.45 7.24
C PHE A 169 -11.92 26.01 8.20
N THR A 170 -13.18 25.64 8.04
CA THR A 170 -14.21 26.11 8.96
C THR A 170 -14.04 25.39 10.28
N ASP A 171 -14.46 26.07 11.35
CA ASP A 171 -14.44 25.42 12.65
C ASP A 171 -15.28 24.15 12.65
N GLY A 172 -16.26 24.04 11.76
CA GLY A 172 -17.02 22.81 11.64
C GLY A 172 -16.16 21.64 11.18
N ASP A 173 -15.43 21.82 10.07
CA ASP A 173 -14.64 20.71 9.54
C ASP A 173 -13.48 20.34 10.45
N ARG A 174 -12.93 21.29 11.22
CA ARG A 174 -11.86 20.92 12.14
C ARG A 174 -12.34 19.88 13.15
N CYS A 175 -13.62 19.93 13.51
CA CYS A 175 -14.18 18.95 14.43
C CYS A 175 -14.04 17.54 13.84
N CYS A 176 -14.40 17.38 12.56
CA CYS A 176 -14.30 16.09 11.88
C CYS A 176 -12.85 15.68 11.65
N PHE A 177 -12.01 16.63 11.26
CA PHE A 177 -10.58 16.33 11.15
C PHE A 177 -9.98 15.98 12.50
N LEU A 178 -10.46 16.61 13.58
CA LEU A 178 -10.11 16.15 14.91
C LEU A 178 -10.72 14.78 15.17
N ALA A 179 -11.98 14.59 14.77
CA ALA A 179 -12.62 13.28 14.95
C ALA A 179 -11.92 12.20 14.12
N TYR A 180 -11.54 12.54 12.88
CA TYR A 180 -10.77 11.60 12.07
C TYR A 180 -9.44 11.29 12.75
N HIS A 181 -8.68 12.32 13.14
CA HIS A 181 -7.31 12.10 13.61
C HIS A 181 -7.28 11.25 14.86
N PHE A 182 -8.29 11.39 15.74
CA PHE A 182 -8.31 10.62 16.98
C PHE A 182 -9.01 9.28 16.79
N LYS A 183 -9.08 8.84 15.52
CA LYS A 183 -9.42 7.46 15.14
C LYS A 183 -10.88 7.11 15.44
N ALA A 184 -11.77 8.06 15.22
CA ALA A 184 -13.19 7.79 15.36
C ALA A 184 -13.64 6.88 14.21
N LYS A 185 -14.66 6.06 14.48
CA LYS A 185 -15.13 5.11 13.48
C LYS A 185 -15.96 5.80 12.40
N LYS A 186 -17.10 6.35 12.78
CA LYS A 186 -17.93 7.11 11.86
C LYS A 186 -18.42 8.38 12.54
N LEU A 187 -18.66 9.39 11.71
CA LEU A 187 -19.11 10.70 12.17
C LEU A 187 -20.55 10.91 11.74
N ILE A 188 -21.40 11.29 12.68
CA ILE A 188 -22.80 11.58 12.42
C ILE A 188 -22.98 13.08 12.56
N LEU A 189 -23.20 13.76 11.45
CA LEU A 189 -23.24 15.22 11.48
C LEU A 189 -24.67 15.71 11.68
N GLY A 190 -24.76 16.92 12.22
CA GLY A 190 -26.05 17.51 12.53
C GLY A 190 -25.97 19.01 12.37
N GLY A 191 -27.11 19.61 12.06
CA GLY A 191 -27.16 21.03 11.84
C GLY A 191 -26.20 21.47 10.75
N MET A 192 -26.33 20.87 9.57
CA MET A 192 -25.44 21.17 8.44
C MET A 192 -26.23 21.89 7.35
N ASP A 193 -25.82 23.11 7.04
CA ASP A 193 -26.47 23.92 6.03
C ASP A 193 -26.08 23.48 4.61
N LYS A 219 -19.91 30.63 0.50
CA LYS A 219 -18.54 30.95 0.14
C LYS A 219 -17.55 30.07 0.90
N LYS A 220 -17.50 30.25 2.21
CA LYS A 220 -16.71 29.36 3.05
C LYS A 220 -17.32 27.96 3.08
N LEU A 221 -18.64 27.86 2.92
CA LEU A 221 -19.29 26.55 2.94
C LEU A 221 -18.86 25.69 1.76
N GLU A 222 -18.54 26.33 0.62
CA GLU A 222 -18.12 25.58 -0.57
C GLU A 222 -16.82 24.83 -0.32
N TYR A 223 -15.95 25.40 0.50
CA TYR A 223 -14.73 24.72 0.91
C TYR A 223 -15.01 23.65 1.96
N ALA A 224 -15.98 23.89 2.84
CA ALA A 224 -16.32 22.89 3.84
C ALA A 224 -16.79 21.61 3.18
N LYS A 225 -17.70 21.73 2.20
CA LYS A 225 -18.18 20.56 1.47
C LYS A 225 -17.03 19.84 0.77
N THR A 226 -16.10 20.61 0.19
CA THR A 226 -14.93 20.01 -0.44
C THR A 226 -14.16 19.14 0.55
N LEU A 227 -13.80 19.71 1.71
CA LEU A 227 -13.02 18.97 2.69
C LEU A 227 -13.83 17.82 3.28
N ILE A 228 -15.14 18.02 3.46
CA ILE A 228 -16.00 16.94 3.95
C ILE A 228 -16.01 15.79 2.95
N ASN A 229 -16.19 16.11 1.66
CA ASN A 229 -16.08 15.11 0.61
C ASN A 229 -14.78 14.33 0.73
N TYR A 230 -13.68 15.05 0.99
CA TYR A 230 -12.39 14.38 1.15
C TYR A 230 -12.41 13.42 2.33
N LEU A 231 -13.09 13.80 3.41
CA LEU A 231 -13.18 12.93 4.57
C LEU A 231 -14.09 11.73 4.31
N LYS A 232 -15.06 11.88 3.41
CA LYS A 232 -15.94 10.77 3.07
C LYS A 232 -15.14 9.58 2.56
N ASP A 233 -14.02 9.82 1.89
CA ASP A 233 -13.24 8.72 1.35
C ASP A 233 -12.50 7.96 2.44
N LYS A 234 -11.86 8.68 3.36
CA LYS A 234 -11.00 8.02 4.34
C LYS A 234 -11.76 7.57 5.59
N ILE A 235 -12.93 8.13 5.86
CA ILE A 235 -13.73 7.77 7.02
C ILE A 235 -15.20 7.77 6.63
N GLU A 236 -15.98 6.94 7.31
CA GLU A 236 -17.41 6.87 7.06
C GLU A 236 -18.09 8.09 7.67
N ILE A 237 -18.84 8.80 6.83
CA ILE A 237 -19.46 10.09 7.18
C ILE A 237 -20.92 10.06 6.72
N GLU A 238 -21.83 9.95 7.68
CA GLU A 238 -23.26 9.86 7.43
C GLU A 238 -23.96 11.06 8.05
N PHE A 239 -24.30 12.02 7.22
CA PHE A 239 -25.13 13.13 7.66
C PHE A 239 -26.48 12.61 8.15
N LEU A 240 -26.97 13.21 9.22
CA LEU A 240 -28.28 12.85 9.71
C LEU A 240 -29.26 13.81 9.05
N LYS A 241 -30.54 13.44 9.04
CA LYS A 241 -31.56 14.32 8.47
C LYS A 241 -32.83 14.30 9.33
N GLU B 5 -6.37 32.85 -11.04
CA GLU B 5 -7.09 31.69 -10.52
C GLU B 5 -6.16 30.49 -10.31
N TRP B 6 -5.74 29.89 -11.44
CA TRP B 6 -4.65 28.91 -11.42
C TRP B 6 -3.31 29.61 -11.14
N GLU B 7 -3.27 30.94 -11.26
CA GLU B 7 -2.10 31.69 -10.81
C GLU B 7 -1.79 31.40 -9.34
N ILE B 8 -2.81 31.06 -8.55
CA ILE B 8 -2.58 30.75 -7.14
C ILE B 8 -1.79 29.45 -7.02
N PHE B 9 -2.26 28.38 -7.68
CA PHE B 9 -1.48 27.16 -7.70
C PHE B 9 -0.13 27.41 -8.35
N TYR B 10 -0.12 28.15 -9.47
CA TYR B 10 1.11 28.33 -10.23
C TYR B 10 2.19 29.04 -9.41
N ASN B 11 1.84 30.18 -8.79
CA ASN B 11 2.84 30.95 -8.05
C ASN B 11 3.43 30.15 -6.91
N LYS B 12 2.63 29.25 -6.32
CA LYS B 12 3.11 28.39 -5.24
C LYS B 12 3.99 27.25 -5.77
N ILE B 13 3.61 26.65 -6.90
CA ILE B 13 4.44 25.59 -7.49
C ILE B 13 5.83 26.14 -7.80
N MET B 14 5.89 27.38 -8.32
CA MET B 14 7.15 27.97 -8.73
C MET B 14 8.04 28.29 -7.53
N GLU B 15 7.46 28.87 -6.47
CA GLU B 15 8.29 29.17 -5.30
C GLU B 15 8.69 27.91 -4.55
N ASP B 16 7.86 26.87 -4.61
CA ASP B 16 8.18 25.62 -3.92
C ASP B 16 9.32 24.88 -4.59
N PHE B 17 9.35 24.87 -5.92
CA PHE B 17 10.36 24.13 -6.66
C PHE B 17 11.58 24.98 -7.00
N GLY B 18 11.41 26.29 -7.14
CA GLY B 18 12.52 27.16 -7.49
C GLY B 18 12.70 27.27 -9.00
N PHE B 19 11.59 27.25 -9.72
CA PHE B 19 11.64 27.38 -11.18
C PHE B 19 11.70 28.85 -11.54
N ASP B 20 12.56 29.19 -12.50
CA ASP B 20 12.67 30.56 -12.95
C ASP B 20 11.45 30.88 -13.80
N LYS B 21 10.57 31.74 -13.29
CA LYS B 21 9.39 32.15 -14.06
C LYS B 21 9.77 32.95 -15.29
N ASP B 22 10.96 33.56 -15.30
CA ASP B 22 11.42 34.30 -16.47
C ASP B 22 11.74 33.35 -17.61
N LYS B 23 12.42 32.23 -17.31
CA LYS B 23 12.62 31.18 -18.31
C LYS B 23 11.27 30.65 -18.82
N ASP B 24 10.30 30.52 -17.92
CA ASP B 24 8.96 30.06 -18.31
C ASP B 24 8.39 30.95 -19.40
N VAL B 25 8.32 32.27 -19.13
CA VAL B 25 7.79 33.19 -20.13
C VAL B 25 8.62 33.13 -21.39
N GLU B 26 9.94 33.03 -21.23
CA GLU B 26 10.80 32.91 -22.39
C GLU B 26 10.37 31.77 -23.30
N SER B 27 9.98 30.63 -22.73
CA SER B 27 9.64 29.48 -23.55
C SER B 27 8.25 29.61 -24.18
N ALA B 28 7.28 30.11 -23.43
CA ALA B 28 5.96 30.31 -24.02
C ALA B 28 6.05 31.22 -25.24
N VAL B 29 6.85 32.29 -25.15
CA VAL B 29 6.95 33.26 -26.24
C VAL B 29 7.67 32.66 -27.45
N ILE B 30 8.71 31.87 -27.22
CA ILE B 30 9.39 31.18 -28.31
C ILE B 30 8.43 30.19 -28.98
N LEU B 31 7.80 29.32 -28.20
CA LEU B 31 6.88 28.37 -28.80
C LEU B 31 5.68 29.07 -29.40
N ASN B 32 5.17 30.14 -28.76
CA ASN B 32 4.05 30.87 -29.35
C ASN B 32 4.42 31.42 -30.72
N ASN B 33 5.69 31.75 -30.92
CA ASN B 33 6.10 32.36 -32.18
C ASN B 33 6.49 31.32 -33.21
N ILE B 34 6.99 30.15 -32.79
CA ILE B 34 7.17 29.07 -33.77
C ILE B 34 5.83 28.63 -34.32
N LEU B 35 4.79 28.64 -33.49
CA LEU B 35 3.47 28.15 -33.87
C LEU B 35 2.79 29.03 -34.90
N GLU B 36 3.29 30.25 -35.12
CA GLU B 36 2.76 31.01 -36.24
C GLU B 36 3.40 30.61 -37.56
N ASN B 37 4.61 30.02 -37.51
CA ASN B 37 5.28 29.49 -38.68
C ASN B 37 4.84 28.06 -38.98
N ALA B 38 3.65 27.62 -38.53
CA ALA B 38 3.41 26.18 -38.51
C ALA B 38 1.93 25.82 -38.56
N ASN B 39 1.71 24.54 -38.25
CA ASN B 39 0.54 23.73 -38.59
C ASN B 39 -0.43 23.69 -37.42
N THR B 40 -1.06 24.83 -37.15
CA THR B 40 -1.88 24.88 -35.95
C THR B 40 -3.13 24.05 -36.13
N ILE B 41 -3.67 23.57 -35.00
CA ILE B 41 -4.89 22.77 -34.99
C ILE B 41 -5.99 23.61 -34.35
N PRO B 42 -7.06 23.91 -35.07
CA PRO B 42 -8.15 24.69 -34.49
C PRO B 42 -8.57 24.25 -33.09
N VAL B 43 -8.63 25.21 -32.17
CA VAL B 43 -9.05 24.92 -30.79
C VAL B 43 -10.34 24.11 -30.75
N ASP B 44 -11.31 24.43 -31.62
CA ASP B 44 -12.60 23.76 -31.64
C ASP B 44 -12.52 22.32 -32.17
N LYS B 45 -11.40 21.93 -32.78
CA LYS B 45 -11.21 20.52 -33.10
C LYS B 45 -11.25 19.66 -31.85
N LEU B 46 -10.63 20.15 -30.76
CA LEU B 46 -10.58 19.39 -29.51
C LEU B 46 -11.93 19.39 -28.82
N LYS B 47 -12.72 20.45 -29.02
CA LYS B 47 -14.09 20.43 -28.52
C LYS B 47 -14.88 19.30 -29.17
N ASP B 48 -14.61 18.99 -30.44
CA ASP B 48 -15.29 17.88 -31.10
C ASP B 48 -14.89 16.56 -30.47
N ILE B 49 -13.61 16.40 -30.14
CA ILE B 49 -13.12 15.12 -29.64
C ILE B 49 -13.44 14.90 -28.18
N ILE B 50 -13.84 15.94 -27.46
CA ILE B 50 -14.03 15.89 -26.01
C ILE B 50 -15.49 16.01 -25.62
N GLU B 51 -16.17 17.05 -26.09
CA GLU B 51 -17.48 17.43 -25.55
C GLU B 51 -18.42 16.23 -25.51
N GLY B 52 -19.04 16.03 -24.36
CA GLY B 52 -20.07 15.03 -24.21
C GLY B 52 -19.60 13.60 -24.19
N ARG B 53 -18.30 13.36 -24.03
CA ARG B 53 -17.77 12.01 -24.15
C ARG B 53 -16.85 11.66 -22.98
N GLU B 54 -16.99 10.43 -22.48
CA GLU B 54 -16.15 9.92 -21.42
C GLU B 54 -14.75 9.66 -21.99
N VAL B 55 -13.75 10.40 -21.52
CA VAL B 55 -12.41 10.32 -22.10
C VAL B 55 -11.51 9.51 -21.19
N PHE B 56 -10.69 8.66 -21.81
CA PHE B 56 -9.66 7.90 -21.09
C PHE B 56 -8.38 8.72 -21.06
N ILE B 57 -7.82 8.88 -19.86
CA ILE B 57 -6.56 9.58 -19.64
C ILE B 57 -5.58 8.60 -19.01
N PHE B 58 -4.42 8.46 -19.62
CA PHE B 58 -3.43 7.48 -19.21
C PHE B 58 -2.09 8.16 -18.89
N GLY B 59 -1.41 7.64 -17.86
CA GLY B 59 -0.03 7.97 -17.57
C GLY B 59 0.86 6.76 -17.77
N ALA B 60 2.12 6.91 -17.33
CA ALA B 60 3.17 5.91 -17.59
C ALA B 60 3.39 4.99 -16.39
N GLY B 61 2.31 4.40 -15.86
CA GLY B 61 2.33 3.83 -14.55
C GLY B 61 2.81 2.38 -14.55
N PRO B 62 2.88 1.79 -13.35
CA PRO B 62 3.25 0.37 -13.25
C PRO B 62 2.16 -0.60 -13.71
N SER B 63 0.96 -0.12 -14.00
CA SER B 63 -0.17 -0.94 -14.42
C SER B 63 -0.86 -0.30 -15.63
N ILE B 64 -0.06 0.09 -16.62
CA ILE B 64 -0.61 0.73 -17.81
C ILE B 64 -0.92 -0.31 -18.87
N LYS B 65 -0.10 -1.34 -18.97
CA LYS B 65 -0.29 -2.37 -19.99
C LYS B 65 -1.54 -3.20 -19.72
N LYS B 66 -1.76 -3.60 -18.46
CA LYS B 66 -2.97 -4.36 -18.14
C LYS B 66 -4.24 -3.55 -18.43
N HIS B 67 -4.20 -2.24 -18.15
CA HIS B 67 -5.32 -1.37 -18.49
C HIS B 67 -5.43 -1.17 -19.98
N ILE B 68 -4.34 -1.42 -20.72
CA ILE B 68 -4.46 -1.40 -22.17
C ILE B 68 -5.37 -2.54 -22.63
N ASN B 69 -5.20 -3.73 -22.03
CA ASN B 69 -6.05 -4.87 -22.39
C ASN B 69 -7.50 -4.61 -22.01
N ILE B 70 -7.72 -3.98 -20.86
CA ILE B 70 -9.07 -3.49 -20.53
C ILE B 70 -9.57 -2.60 -21.65
N LEU B 71 -8.70 -1.71 -22.13
CA LEU B 71 -9.09 -0.71 -23.12
C LEU B 71 -9.39 -1.36 -24.45
N LYS B 72 -8.59 -2.34 -24.83
CA LYS B 72 -8.86 -3.11 -26.05
C LYS B 72 -10.13 -3.92 -25.88
N GLU B 73 -10.44 -4.32 -24.65
CA GLU B 73 -11.62 -5.14 -24.38
C GLU B 73 -12.91 -4.38 -24.68
N LEU B 74 -13.08 -3.18 -24.11
CA LEU B 74 -14.32 -2.46 -24.38
C LEU B 74 -14.43 -1.96 -25.81
N ARG B 75 -13.34 -1.94 -26.57
CA ARG B 75 -13.46 -1.75 -28.01
C ARG B 75 -14.06 -2.98 -28.69
N GLU B 76 -14.02 -4.15 -28.03
CA GLU B 76 -14.65 -5.36 -28.54
C GLU B 76 -16.14 -5.40 -28.24
N ILE B 77 -16.59 -4.64 -27.24
CA ILE B 77 -18.02 -4.45 -26.98
C ILE B 77 -18.56 -3.21 -27.71
N ASN B 78 -17.82 -2.75 -28.72
CA ASN B 78 -18.22 -1.69 -29.68
C ASN B 78 -18.46 -0.31 -29.06
N TYR B 79 -17.96 -0.03 -27.87
CA TYR B 79 -18.12 1.36 -27.37
C TYR B 79 -16.76 2.04 -27.32
N LYS B 80 -16.60 3.18 -28.01
CA LYS B 80 -15.28 3.83 -28.01
C LYS B 80 -15.34 5.29 -27.58
N ASN B 81 -14.42 5.63 -26.69
CA ASN B 81 -14.22 6.97 -26.10
C ASN B 81 -12.83 7.45 -26.52
N PRO B 82 -12.59 8.77 -26.59
CA PRO B 82 -11.28 9.30 -26.95
C PRO B 82 -10.21 8.97 -25.90
N ILE B 83 -8.98 8.95 -26.33
CA ILE B 83 -7.88 8.56 -25.46
C ILE B 83 -6.82 9.64 -25.47
N ILE B 84 -6.54 10.21 -24.29
CA ILE B 84 -5.55 11.27 -24.09
C ILE B 84 -4.42 10.71 -23.23
N VAL B 85 -3.28 10.51 -23.85
CA VAL B 85 -2.14 9.85 -23.21
C VAL B 85 -1.14 10.91 -22.78
N ALA B 86 -0.41 10.61 -21.71
CA ALA B 86 0.65 11.48 -21.24
C ALA B 86 1.93 11.22 -22.02
N ASP B 87 3.00 11.91 -21.63
CA ASP B 87 4.22 11.98 -22.40
C ASP B 87 4.72 10.64 -22.93
N GLY B 88 5.05 9.76 -22.00
CA GLY B 88 5.84 8.61 -22.34
C GLY B 88 4.98 7.38 -22.45
N ALA B 89 3.75 7.45 -21.94
CA ALA B 89 2.86 6.30 -22.02
C ALA B 89 2.52 5.90 -23.45
N CYS B 90 2.89 6.71 -24.45
CA CYS B 90 2.45 6.48 -25.82
C CYS B 90 3.14 5.28 -26.47
N LYS B 91 4.35 4.93 -26.04
CA LYS B 91 4.98 3.76 -26.63
C LYS B 91 4.18 2.50 -26.31
N ALA B 92 3.67 2.39 -25.08
CA ALA B 92 2.88 1.21 -24.69
C ALA B 92 1.61 1.08 -25.53
N PHE B 93 1.03 2.19 -25.96
CA PHE B 93 -0.09 2.12 -26.89
C PHE B 93 0.37 1.71 -28.27
N LEU B 94 1.57 2.14 -28.68
CA LEU B 94 2.10 1.79 -29.99
C LEU B 94 2.40 0.30 -30.09
N GLU B 95 3.01 -0.27 -29.05
CA GLU B 95 3.28 -1.70 -29.00
C GLU B 95 2.02 -2.52 -28.85
N GLU B 96 0.89 -1.88 -28.59
CA GLU B 96 -0.38 -2.57 -28.47
C GLU B 96 -1.36 -2.20 -29.58
N ASN B 97 -0.90 -1.47 -30.60
CA ASN B 97 -1.66 -1.12 -31.79
C ASN B 97 -2.76 -0.07 -31.52
N ILE B 98 -2.77 0.52 -30.33
CA ILE B 98 -3.71 1.60 -30.03
C ILE B 98 -3.00 2.91 -30.31
N ILE B 99 -3.65 3.79 -31.07
CA ILE B 99 -3.11 5.11 -31.39
C ILE B 99 -3.91 6.15 -30.61
N PRO B 100 -3.28 6.92 -29.73
CA PRO B 100 -4.02 7.86 -28.90
C PRO B 100 -4.47 9.03 -29.75
N ASP B 101 -5.68 9.53 -29.48
CA ASP B 101 -6.17 10.68 -30.23
C ASP B 101 -5.35 11.93 -29.92
N ILE B 102 -5.04 12.16 -28.64
CA ILE B 102 -4.26 13.32 -28.20
C ILE B 102 -3.14 12.84 -27.30
N ILE B 103 -1.99 13.49 -27.38
CA ILE B 103 -0.87 13.23 -26.47
C ILE B 103 -0.36 14.56 -25.94
N VAL B 104 -0.43 14.75 -24.62
CA VAL B 104 0.20 15.92 -24.01
C VAL B 104 1.65 15.56 -23.75
N SER B 105 2.56 16.41 -24.26
CA SER B 105 3.98 16.16 -24.27
C SER B 105 4.77 17.44 -23.97
N ASP B 106 5.85 17.29 -23.21
CA ASP B 106 6.87 18.32 -23.05
C ASP B 106 8.16 17.95 -23.77
N LEU B 107 8.23 16.77 -24.38
CA LEU B 107 9.31 16.34 -25.27
C LEU B 107 10.62 16.06 -24.54
N ASP B 108 10.56 15.61 -23.29
CA ASP B 108 11.75 15.34 -22.50
C ASP B 108 12.03 13.85 -22.31
N GLY B 109 11.42 12.99 -23.13
CA GLY B 109 11.78 11.60 -23.14
C GLY B 109 12.26 11.15 -24.50
N ASP B 110 12.38 9.85 -24.72
CA ASP B 110 12.67 9.35 -26.07
C ASP B 110 11.47 9.66 -26.95
N LEU B 111 11.70 10.42 -28.01
CA LEU B 111 10.62 10.90 -28.87
C LEU B 111 10.31 9.95 -30.02
N GLU B 112 10.88 8.75 -30.00
CA GLU B 112 10.58 7.78 -31.06
C GLU B 112 9.09 7.47 -31.09
N ALA B 113 8.52 7.10 -29.96
CA ALA B 113 7.11 6.73 -29.92
C ALA B 113 6.22 7.92 -30.26
N LEU B 114 6.56 9.11 -29.78
CA LEU B 114 5.76 10.29 -30.07
C LEU B 114 5.71 10.55 -31.57
N PHE B 115 6.84 10.38 -32.25
CA PHE B 115 6.91 10.70 -33.67
C PHE B 115 6.18 9.66 -34.51
N GLU B 116 6.50 8.38 -34.29
CA GLU B 116 5.70 7.30 -34.87
C GLU B 116 4.21 7.51 -34.64
N CYS B 117 3.83 7.95 -33.43
CA CYS B 117 2.41 8.13 -33.09
C CYS B 117 1.83 9.38 -33.75
N ASN B 118 2.65 10.39 -34.00
CA ASN B 118 2.15 11.59 -34.65
C ASN B 118 1.81 11.31 -36.10
N ARG B 119 2.63 10.49 -36.75
CA ARG B 119 2.37 10.08 -38.14
C ARG B 119 1.08 9.31 -38.25
N LYS B 120 0.71 8.55 -37.22
CA LYS B 120 -0.49 7.73 -37.21
C LYS B 120 -1.75 8.49 -36.80
N GLY B 121 -1.74 9.82 -36.92
CA GLY B 121 -2.95 10.61 -36.82
C GLY B 121 -3.21 11.24 -35.47
N SER B 122 -2.33 11.04 -34.49
CA SER B 122 -2.52 11.51 -33.12
C SER B 122 -2.01 12.93 -32.99
N ILE B 123 -2.84 13.81 -32.45
CA ILE B 123 -2.46 15.21 -32.34
C ILE B 123 -1.67 15.43 -31.07
N ILE B 124 -0.69 16.32 -31.12
CA ILE B 124 0.31 16.49 -30.06
C ILE B 124 0.13 17.83 -29.38
N VAL B 125 0.04 17.79 -28.06
CA VAL B 125 0.01 18.99 -27.23
C VAL B 125 1.41 19.16 -26.64
N VAL B 126 2.15 20.15 -27.15
CA VAL B 126 3.49 20.46 -26.69
C VAL B 126 3.42 21.48 -25.56
N HIS B 127 3.85 21.06 -24.37
CA HIS B 127 3.80 21.91 -23.18
C HIS B 127 5.11 22.68 -23.05
N ALA B 128 5.00 24.00 -22.96
CA ALA B 128 6.15 24.88 -22.87
C ALA B 128 6.56 25.03 -21.41
N HIS B 129 7.78 24.60 -21.09
CA HIS B 129 8.37 24.72 -19.77
C HIS B 129 9.48 25.76 -19.80
N GLY B 130 9.97 26.14 -18.63
CA GLY B 130 11.22 26.87 -18.67
C GLY B 130 12.42 26.00 -18.96
N ASP B 131 12.25 24.68 -18.88
CA ASP B 131 13.35 23.71 -18.92
C ASP B 131 13.55 23.06 -20.29
N ASN B 132 12.72 23.39 -21.27
CA ASN B 132 12.69 22.63 -22.51
C ASN B 132 12.66 23.55 -23.71
N ILE B 133 13.35 24.69 -23.62
CA ILE B 133 13.24 25.68 -24.68
C ILE B 133 13.79 25.14 -25.99
N GLU B 134 15.03 24.67 -25.97
CA GLU B 134 15.68 24.31 -27.23
C GLU B 134 15.18 22.98 -27.78
N LYS B 135 14.59 22.14 -26.94
CA LYS B 135 13.90 20.95 -27.45
C LYS B 135 12.62 21.32 -28.17
N ILE B 136 11.96 22.40 -27.76
CA ILE B 136 10.81 22.90 -28.50
C ILE B 136 11.24 23.40 -29.88
N LYS B 137 12.26 24.27 -29.93
CA LYS B 137 12.71 24.89 -31.16
C LYS B 137 13.26 23.88 -32.17
N LYS B 138 13.69 22.70 -31.70
CA LYS B 138 14.18 21.67 -32.59
C LYS B 138 13.06 20.80 -33.13
N TYR B 139 12.22 20.26 -32.25
CA TYR B 139 11.25 19.23 -32.65
C TYR B 139 9.91 19.79 -33.10
N VAL B 140 9.46 20.91 -32.53
CA VAL B 140 8.19 21.51 -32.96
C VAL B 140 8.13 21.74 -34.48
N PRO B 141 9.18 22.25 -35.15
CA PRO B 141 9.11 22.33 -36.63
C PRO B 141 8.87 20.97 -37.26
N LYS B 142 9.45 19.91 -36.67
CA LYS B 142 9.41 18.58 -37.27
C LYS B 142 8.09 17.86 -37.07
N LEU B 143 7.20 18.43 -36.25
CA LEU B 143 5.95 17.78 -35.88
C LEU B 143 4.81 18.31 -36.73
N LYS B 144 3.73 17.54 -36.75
CA LYS B 144 2.51 17.89 -37.44
C LYS B 144 1.36 17.69 -36.48
N ASN B 145 0.26 18.40 -36.74
CA ASN B 145 -0.94 18.34 -35.88
C ASN B 145 -0.60 18.71 -34.44
N VAL B 146 -0.16 19.95 -34.28
CA VAL B 146 0.45 20.43 -33.05
C VAL B 146 -0.41 21.52 -32.44
N VAL B 147 -0.55 21.46 -31.11
CA VAL B 147 -1.16 22.52 -30.30
C VAL B 147 -0.17 22.94 -29.22
N GLY B 148 -0.14 24.23 -28.94
CA GLY B 148 0.81 24.80 -27.99
C GLY B 148 0.21 24.99 -26.60
N SER B 149 0.96 24.54 -25.60
CA SER B 149 0.58 24.64 -24.19
C SER B 149 1.70 25.33 -23.41
N CYS B 150 1.32 26.27 -22.54
CA CYS B 150 2.28 26.96 -21.69
C CYS B 150 1.83 26.89 -20.24
N GLN B 151 2.77 27.23 -19.34
CA GLN B 151 2.52 27.16 -17.91
C GLN B 151 2.03 28.48 -17.33
N ILE B 152 2.32 29.59 -17.98
CA ILE B 152 2.09 30.91 -17.35
C ILE B 152 0.63 31.30 -17.46
N PRO B 153 0.01 31.75 -16.38
CA PRO B 153 -1.42 32.07 -16.42
C PRO B 153 -1.75 33.30 -17.26
N ASN B 154 -0.79 34.19 -17.48
CA ASN B 154 -1.05 35.47 -18.11
C ASN B 154 -0.65 35.49 -19.59
N TYR B 155 -0.74 34.33 -20.25
CA TYR B 155 -0.39 34.27 -21.67
C TYR B 155 -1.33 35.12 -22.50
N LYS B 156 -2.55 35.37 -22.00
CA LYS B 156 -3.52 36.13 -22.78
C LYS B 156 -3.14 37.60 -22.88
N GLU B 157 -2.69 38.21 -21.77
CA GLU B 157 -2.27 39.60 -21.78
C GLU B 157 -0.85 39.78 -22.31
N LEU B 158 -0.15 38.70 -22.58
CA LEU B 158 1.12 38.74 -23.29
C LEU B 158 0.92 38.66 -24.81
N ASN B 159 -0.34 38.62 -25.26
CA ASN B 159 -0.67 38.57 -26.69
C ASN B 159 -0.07 37.35 -27.37
N LEU B 160 -0.15 36.21 -26.68
CA LEU B 160 0.27 34.92 -27.23
C LEU B 160 -1.01 34.20 -27.63
N ARG B 161 -1.24 34.08 -28.94
CA ARG B 161 -2.50 33.56 -29.48
C ARG B 161 -2.36 32.19 -30.10
N ASN B 162 -1.17 31.62 -30.10
CA ASN B 162 -0.97 30.30 -30.66
C ASN B 162 -0.81 29.25 -29.59
N VAL B 163 -0.89 29.64 -28.32
CA VAL B 163 -0.83 28.72 -27.20
C VAL B 163 -2.09 28.87 -26.37
N ILE B 164 -2.27 27.94 -25.44
CA ILE B 164 -3.34 27.99 -24.46
C ILE B 164 -2.82 27.41 -23.16
N ASN B 165 -3.50 27.72 -22.07
CA ASN B 165 -3.22 27.14 -20.76
C ASN B 165 -4.53 27.00 -20.02
N PHE B 166 -4.88 25.77 -19.66
CA PHE B 166 -6.11 25.49 -18.91
C PHE B 166 -5.82 24.98 -17.51
N GLY B 167 -4.58 25.01 -17.08
CA GLY B 167 -4.19 24.49 -15.79
C GLY B 167 -3.41 23.20 -15.92
N GLY B 168 -2.73 22.86 -14.84
CA GLY B 168 -2.00 21.60 -14.79
C GLY B 168 -0.51 21.79 -14.67
N PHE B 169 0.16 20.88 -13.95
CA PHE B 169 1.59 21.03 -13.74
C PHE B 169 2.35 19.86 -14.36
N THR B 170 1.99 18.63 -13.98
CA THR B 170 2.56 17.47 -14.63
C THR B 170 1.70 17.09 -15.83
N ASP B 171 2.30 16.31 -16.74
CA ASP B 171 1.60 15.98 -17.98
C ASP B 171 0.28 15.28 -17.72
N GLY B 172 0.16 14.55 -16.60
CA GLY B 172 -1.11 13.94 -16.25
C GLY B 172 -2.17 14.98 -15.89
N ASP B 173 -1.80 15.98 -15.09
CA ASP B 173 -2.76 17.02 -14.73
C ASP B 173 -3.28 17.72 -15.98
N ARG B 174 -2.37 18.00 -16.92
CA ARG B 174 -2.76 18.76 -18.11
C ARG B 174 -3.84 18.02 -18.88
N CYS B 175 -3.70 16.70 -19.01
CA CYS B 175 -4.63 15.91 -19.80
C CYS B 175 -6.04 15.98 -19.24
N CYS B 176 -6.18 15.86 -17.91
CA CYS B 176 -7.48 16.00 -17.26
C CYS B 176 -7.93 17.46 -17.24
N PHE B 177 -7.01 18.40 -17.07
CA PHE B 177 -7.37 19.80 -17.17
C PHE B 177 -7.78 20.17 -18.59
N LEU B 178 -7.14 19.53 -19.59
CA LEU B 178 -7.54 19.75 -20.98
C LEU B 178 -8.93 19.20 -21.24
N ALA B 179 -9.15 17.93 -20.89
CA ALA B 179 -10.46 17.32 -21.08
C ALA B 179 -11.56 18.13 -20.40
N TYR B 180 -11.31 18.54 -19.17
CA TYR B 180 -12.31 19.29 -18.37
C TYR B 180 -12.68 20.62 -19.02
N HIS B 181 -11.76 21.23 -19.77
CA HIS B 181 -12.07 22.56 -20.37
C HIS B 181 -12.89 22.36 -21.64
N PHE B 182 -12.64 21.27 -22.34
CA PHE B 182 -13.41 21.00 -23.57
C PHE B 182 -14.76 20.38 -23.16
N LYS B 183 -15.05 20.42 -21.86
CA LYS B 183 -16.32 19.97 -21.28
C LYS B 183 -16.60 18.50 -21.58
N ALA B 184 -15.72 17.67 -21.05
CA ALA B 184 -15.92 16.24 -21.04
C ALA B 184 -17.02 15.88 -20.05
N LYS B 185 -17.45 14.62 -20.10
CA LYS B 185 -18.46 14.08 -19.20
C LYS B 185 -17.85 13.25 -18.08
N LYS B 186 -16.77 12.54 -18.37
CA LYS B 186 -16.15 11.66 -17.38
C LYS B 186 -14.71 11.38 -17.82
N LEU B 187 -13.79 11.47 -16.87
CA LEU B 187 -12.42 11.05 -17.07
C LEU B 187 -12.18 9.74 -16.34
N ILE B 188 -11.52 8.80 -17.01
CA ILE B 188 -11.22 7.48 -16.47
C ILE B 188 -9.71 7.32 -16.53
N LEU B 189 -9.07 7.36 -15.36
CA LEU B 189 -7.61 7.49 -15.28
C LEU B 189 -6.98 6.11 -15.14
N GLY B 190 -6.26 5.68 -16.17
CA GLY B 190 -5.49 4.46 -16.07
C GLY B 190 -4.00 4.72 -16.17
N GLY B 191 -3.28 4.52 -15.07
CA GLY B 191 -1.83 4.68 -15.11
C GLY B 191 -1.33 5.58 -14.00
N MET B 192 -2.24 6.32 -13.40
CA MET B 192 -1.89 7.25 -12.32
C MET B 192 -2.40 6.75 -10.97
N GLU B 215 12.91 11.93 -4.62
CA GLU B 215 13.52 13.25 -4.77
C GLU B 215 12.45 14.31 -5.01
N ILE B 216 12.60 15.01 -6.14
CA ILE B 216 11.60 15.95 -6.61
C ILE B 216 10.39 15.23 -7.18
N LYS B 217 10.58 14.00 -7.66
CA LYS B 217 9.48 13.21 -8.18
C LYS B 217 8.34 13.13 -7.17
N ILE B 218 8.69 12.84 -5.91
CA ILE B 218 7.66 12.62 -4.88
C ILE B 218 6.82 13.87 -4.70
N LYS B 219 7.46 15.04 -4.66
CA LYS B 219 6.71 16.28 -4.49
C LYS B 219 5.90 16.63 -5.73
N LYS B 220 6.29 16.12 -6.90
CA LYS B 220 5.50 16.33 -8.11
C LYS B 220 4.20 15.53 -8.05
N LEU B 221 4.28 14.27 -7.63
CA LEU B 221 3.07 13.46 -7.53
C LEU B 221 2.14 14.00 -6.46
N GLU B 222 2.70 14.61 -5.41
CA GLU B 222 1.90 15.30 -4.42
C GLU B 222 1.21 16.53 -5.01
N TYR B 223 1.73 17.05 -6.13
CA TYR B 223 1.10 18.15 -6.85
C TYR B 223 0.19 17.64 -7.95
N ALA B 224 0.45 16.44 -8.46
CA ALA B 224 -0.51 15.80 -9.35
C ALA B 224 -1.74 15.34 -8.58
N LYS B 225 -1.54 14.86 -7.35
CA LYS B 225 -2.63 14.40 -6.50
C LYS B 225 -3.61 15.53 -6.22
N THR B 226 -3.11 16.63 -5.66
CA THR B 226 -3.94 17.76 -5.26
C THR B 226 -4.77 18.28 -6.44
N LEU B 227 -4.12 18.48 -7.58
CA LEU B 227 -4.83 19.05 -8.74
C LEU B 227 -5.88 18.07 -9.26
N ILE B 228 -5.57 16.78 -9.26
CA ILE B 228 -6.54 15.77 -9.68
C ILE B 228 -7.68 15.66 -8.66
N ASN B 229 -7.34 15.72 -7.37
CA ASN B 229 -8.37 15.72 -6.33
C ASN B 229 -9.15 17.01 -6.29
N TYR B 230 -8.59 18.10 -6.82
CA TYR B 230 -9.31 19.35 -6.94
C TYR B 230 -10.29 19.30 -8.11
N LEU B 231 -9.90 18.61 -9.19
CA LEU B 231 -10.77 18.38 -10.33
C LEU B 231 -11.87 17.36 -10.00
N LYS B 232 -11.72 16.63 -8.90
CA LYS B 232 -12.73 15.63 -8.53
C LYS B 232 -14.08 16.27 -8.25
N ASP B 233 -14.08 17.48 -7.71
CA ASP B 233 -15.35 18.12 -7.36
C ASP B 233 -16.06 18.68 -8.59
N LYS B 234 -15.31 19.14 -9.59
CA LYS B 234 -15.92 19.83 -10.72
C LYS B 234 -16.36 18.90 -11.85
N ILE B 235 -15.63 17.81 -12.06
CA ILE B 235 -15.98 16.82 -13.07
C ILE B 235 -15.84 15.42 -12.47
N GLU B 236 -16.63 14.49 -13.00
CA GLU B 236 -16.59 13.12 -12.53
C GLU B 236 -15.26 12.50 -12.92
N ILE B 237 -14.50 12.08 -11.91
CA ILE B 237 -13.19 11.45 -12.10
C ILE B 237 -13.18 10.13 -11.36
N GLU B 238 -12.83 9.07 -12.07
CA GLU B 238 -12.69 7.76 -11.47
C GLU B 238 -11.46 7.06 -12.06
N PHE B 239 -10.87 6.19 -11.26
CA PHE B 239 -9.62 5.56 -11.62
C PHE B 239 -9.89 4.14 -12.08
N LEU B 240 -8.85 3.50 -12.61
CA LEU B 240 -8.85 2.10 -12.97
C LEU B 240 -7.95 1.37 -11.98
N LYS B 241 -8.30 0.11 -11.71
CA LYS B 241 -7.51 -0.73 -10.79
C LYS B 241 -6.84 -1.90 -11.52
N GLU C 5 14.69 -18.17 5.63
CA GLU C 5 13.52 -18.93 6.06
C GLU C 5 12.49 -17.96 6.63
N TRP C 6 12.33 -18.00 7.95
CA TRP C 6 11.55 -16.99 8.65
C TRP C 6 12.07 -15.60 8.35
N GLU C 7 13.40 -15.47 8.21
CA GLU C 7 13.96 -14.16 7.89
C GLU C 7 13.41 -13.63 6.58
N ILE C 8 13.23 -14.50 5.59
CA ILE C 8 12.56 -14.10 4.36
C ILE C 8 11.12 -13.71 4.66
N PHE C 9 10.38 -14.58 5.36
CA PHE C 9 8.99 -14.27 5.67
C PHE C 9 8.88 -13.00 6.51
N TYR C 10 9.69 -12.93 7.57
CA TYR C 10 9.76 -11.71 8.38
C TYR C 10 10.07 -10.49 7.51
N ASN C 11 10.98 -10.63 6.56
CA ASN C 11 11.27 -9.54 5.64
C ASN C 11 10.04 -9.16 4.82
N LYS C 12 9.19 -10.14 4.50
CA LYS C 12 8.02 -9.85 3.69
C LYS C 12 6.98 -9.06 4.48
N ILE C 13 6.82 -9.39 5.76
CA ILE C 13 5.83 -8.71 6.59
C ILE C 13 6.12 -7.21 6.64
N MET C 14 7.38 -6.86 6.90
CA MET C 14 7.73 -5.48 7.20
C MET C 14 7.51 -4.57 5.99
N GLU C 15 8.02 -4.97 4.83
CA GLU C 15 7.82 -4.21 3.62
C GLU C 15 6.35 -4.21 3.21
N ASP C 16 5.66 -5.32 3.42
CA ASP C 16 4.23 -5.43 3.15
C ASP C 16 3.39 -4.69 4.18
N PHE C 17 3.98 -4.23 5.29
CA PHE C 17 3.26 -3.52 6.33
C PHE C 17 3.87 -2.16 6.66
N GLY C 18 5.01 -1.82 6.08
CA GLY C 18 5.71 -0.60 6.46
C GLY C 18 6.06 -0.61 7.92
N PHE C 19 6.78 -1.63 8.36
CA PHE C 19 7.14 -1.79 9.77
C PHE C 19 8.63 -1.50 9.95
N ASP C 20 8.97 -0.86 11.06
CA ASP C 20 10.36 -0.57 11.37
C ASP C 20 10.99 -1.80 12.02
N LYS C 21 11.91 -2.44 11.32
CA LYS C 21 12.66 -3.55 11.90
C LYS C 21 13.59 -3.09 13.02
N ASP C 22 14.09 -1.85 12.93
CA ASP C 22 15.00 -1.36 13.96
C ASP C 22 14.26 -1.13 15.28
N LYS C 23 12.96 -0.82 15.21
CA LYS C 23 12.16 -0.76 16.42
C LYS C 23 11.86 -2.14 16.97
N ASP C 24 11.87 -3.17 16.12
CA ASP C 24 11.59 -4.52 16.60
C ASP C 24 12.74 -5.03 17.47
N VAL C 25 13.99 -4.85 17.02
CA VAL C 25 15.15 -5.35 17.75
C VAL C 25 15.30 -4.68 19.10
N GLU C 26 14.92 -3.40 19.20
CA GLU C 26 15.00 -2.74 20.50
C GLU C 26 13.89 -3.20 21.43
N SER C 27 12.70 -3.47 20.89
CA SER C 27 11.61 -3.96 21.72
C SER C 27 11.90 -5.37 22.23
N ALA C 28 12.52 -6.20 21.39
CA ALA C 28 12.93 -7.51 21.86
C ALA C 28 14.05 -7.40 22.88
N VAL C 29 14.97 -6.45 22.67
CA VAL C 29 16.10 -6.31 23.59
C VAL C 29 15.68 -5.63 24.89
N ILE C 30 14.78 -4.67 24.82
CA ILE C 30 14.23 -4.08 26.03
C ILE C 30 13.56 -5.16 26.87
N LEU C 31 12.83 -6.07 26.22
CA LEU C 31 12.09 -7.09 26.96
C LEU C 31 13.02 -8.14 27.55
N ASN C 32 13.90 -8.71 26.73
CA ASN C 32 14.81 -9.73 27.23
C ASN C 32 15.60 -9.23 28.43
N ASN C 33 15.89 -7.93 28.47
CA ASN C 33 16.59 -7.34 29.61
C ASN C 33 15.68 -7.30 30.84
N ILE C 34 14.42 -6.90 30.65
CA ILE C 34 13.45 -6.94 31.74
C ILE C 34 13.25 -8.37 32.24
N LEU C 35 13.18 -9.32 31.31
CA LEU C 35 12.92 -10.71 31.67
C LEU C 35 14.10 -11.37 32.35
N GLU C 36 15.24 -10.67 32.46
CA GLU C 36 16.36 -11.16 33.23
C GLU C 36 16.10 -11.00 34.73
N ASN C 37 15.32 -9.98 35.10
CA ASN C 37 14.97 -9.71 36.49
C ASN C 37 13.66 -10.38 36.88
N ALA C 38 12.64 -10.23 36.06
CA ALA C 38 11.29 -10.63 36.44
C ALA C 38 11.15 -12.16 36.50
N ASN C 39 10.02 -12.59 37.03
CA ASN C 39 9.73 -13.99 37.34
C ASN C 39 9.62 -14.86 36.09
N THR C 40 10.61 -15.72 35.85
CA THR C 40 10.66 -16.55 34.64
C THR C 40 9.88 -17.85 34.83
N ILE C 41 9.80 -18.63 33.74
CA ILE C 41 9.18 -19.94 33.75
C ILE C 41 10.10 -20.86 32.98
N PRO C 42 10.45 -22.01 33.53
CA PRO C 42 11.30 -22.94 32.78
C PRO C 42 10.71 -23.22 31.41
N VAL C 43 11.42 -22.85 30.36
CA VAL C 43 10.98 -23.16 29.01
C VAL C 43 10.56 -24.63 28.89
N ASP C 44 11.25 -25.51 29.62
CA ASP C 44 10.98 -26.95 29.57
C ASP C 44 9.68 -27.35 30.25
N LYS C 45 9.08 -26.48 31.05
CA LYS C 45 7.81 -26.75 31.68
C LYS C 45 6.63 -26.09 30.97
N LEU C 46 6.90 -25.46 29.83
CA LEU C 46 5.88 -25.14 28.83
C LEU C 46 5.60 -26.36 27.97
N LYS C 47 6.64 -27.14 27.67
CA LYS C 47 6.48 -28.37 26.90
C LYS C 47 5.79 -29.46 27.70
N ASP C 48 6.00 -29.50 29.03
CA ASP C 48 5.24 -30.46 29.82
C ASP C 48 3.74 -30.16 29.81
N ILE C 49 3.38 -28.90 29.58
CA ILE C 49 1.97 -28.54 29.41
C ILE C 49 1.44 -28.98 28.05
N ILE C 50 2.29 -29.15 27.05
CA ILE C 50 1.88 -29.24 25.66
C ILE C 50 2.22 -30.58 25.03
N GLU C 51 3.47 -31.02 25.16
CA GLU C 51 3.95 -32.19 24.42
C GLU C 51 3.10 -33.41 24.68
N GLY C 52 2.54 -33.95 23.60
CA GLY C 52 1.74 -35.16 23.68
C GLY C 52 0.26 -34.87 23.75
N ARG C 53 -0.12 -33.80 24.44
CA ARG C 53 -1.53 -33.58 24.65
C ARG C 53 -2.18 -32.89 23.44
N GLU C 54 -3.51 -32.86 23.45
CA GLU C 54 -4.28 -32.12 22.46
C GLU C 54 -4.48 -30.72 23.00
N VAL C 55 -4.41 -29.74 22.11
CA VAL C 55 -4.45 -28.34 22.52
C VAL C 55 -5.61 -27.62 21.84
N PHE C 56 -6.22 -26.72 22.59
CA PHE C 56 -7.33 -25.89 22.13
C PHE C 56 -6.86 -24.45 22.10
N ILE C 57 -6.84 -23.84 20.92
CA ILE C 57 -6.39 -22.46 20.72
C ILE C 57 -7.58 -21.60 20.34
N PHE C 58 -7.74 -20.48 21.02
CA PHE C 58 -8.91 -19.62 20.88
C PHE C 58 -8.48 -18.22 20.48
N GLY C 59 -9.04 -17.73 19.38
CA GLY C 59 -8.95 -16.34 19.01
C GLY C 59 -10.12 -15.56 19.56
N ALA C 60 -10.54 -14.52 18.84
CA ALA C 60 -11.58 -13.64 19.33
C ALA C 60 -12.70 -13.41 18.31
N GLY C 61 -13.20 -14.51 17.74
CA GLY C 61 -14.13 -14.42 16.65
C GLY C 61 -15.57 -14.25 17.10
N PRO C 62 -16.50 -14.29 16.14
CA PRO C 62 -17.92 -14.24 16.50
C PRO C 62 -18.31 -15.45 17.29
N SER C 63 -17.57 -16.53 17.09
CA SER C 63 -17.94 -17.83 17.63
C SER C 63 -17.41 -18.03 19.03
N ILE C 64 -16.97 -16.95 19.69
CA ILE C 64 -16.19 -17.06 20.91
C ILE C 64 -17.03 -17.63 22.04
N LYS C 65 -18.14 -16.98 22.37
CA LYS C 65 -18.97 -17.43 23.49
C LYS C 65 -19.35 -18.89 23.30
N LYS C 66 -20.07 -19.18 22.22
CA LYS C 66 -20.61 -20.52 22.02
C LYS C 66 -19.51 -21.54 21.80
N HIS C 67 -18.30 -21.12 21.48
CA HIS C 67 -17.25 -22.10 21.40
C HIS C 67 -16.75 -22.48 22.80
N ILE C 68 -16.72 -21.50 23.71
CA ILE C 68 -16.17 -21.73 25.05
C ILE C 68 -16.96 -22.79 25.78
N ASN C 69 -18.28 -22.67 25.77
CA ASN C 69 -19.11 -23.56 26.56
C ASN C 69 -19.02 -24.99 26.05
N ILE C 70 -18.71 -25.19 24.77
CA ILE C 70 -18.45 -26.56 24.31
C ILE C 70 -17.24 -27.14 25.04
N LEU C 71 -16.24 -26.30 25.33
CA LEU C 71 -15.12 -26.74 26.14
C LEU C 71 -15.53 -26.96 27.60
N LYS C 72 -16.54 -26.21 28.06
CA LYS C 72 -17.08 -26.45 29.40
C LYS C 72 -17.60 -27.87 29.52
N GLU C 73 -18.45 -28.27 28.57
CA GLU C 73 -19.02 -29.61 28.59
C GLU C 73 -17.93 -30.68 28.56
N LEU C 74 -16.89 -30.46 27.75
CA LEU C 74 -15.87 -31.50 27.56
C LEU C 74 -15.05 -31.70 28.82
N ARG C 75 -14.83 -30.64 29.59
CA ARG C 75 -14.10 -30.78 30.84
C ARG C 75 -14.87 -31.67 31.82
N GLU C 76 -16.18 -31.47 31.94
CA GLU C 76 -16.99 -32.29 32.85
C GLU C 76 -17.14 -33.74 32.39
N ILE C 77 -16.73 -34.07 31.16
CA ILE C 77 -16.61 -35.46 30.74
C ILE C 77 -15.17 -35.97 30.88
N ASN C 78 -14.32 -35.24 31.60
CA ASN C 78 -12.95 -35.60 31.93
C ASN C 78 -12.06 -35.78 30.72
N TYR C 79 -12.48 -35.27 29.56
CA TYR C 79 -11.61 -35.08 28.41
C TYR C 79 -11.00 -33.68 28.51
N LYS C 80 -10.17 -33.49 29.54
CA LYS C 80 -9.55 -32.20 29.85
C LYS C 80 -8.12 -32.15 29.32
N ASN C 81 -7.81 -31.09 28.59
CA ASN C 81 -6.54 -30.92 27.93
C ASN C 81 -6.15 -29.45 27.98
N PRO C 82 -4.91 -29.13 27.62
CA PRO C 82 -4.44 -27.74 27.74
C PRO C 82 -5.17 -26.77 26.83
N ILE C 83 -5.19 -25.50 27.25
CA ILE C 83 -5.95 -24.43 26.59
C ILE C 83 -5.08 -23.19 26.43
N ILE C 84 -5.02 -22.66 25.19
CA ILE C 84 -4.31 -21.43 24.86
C ILE C 84 -5.26 -20.38 24.29
N VAL C 85 -4.93 -19.11 24.55
CA VAL C 85 -5.78 -17.98 24.21
C VAL C 85 -4.91 -16.83 23.71
N ALA C 86 -5.53 -15.92 22.94
CA ALA C 86 -4.81 -14.86 22.24
C ALA C 86 -5.48 -13.49 22.43
N ASP C 87 -4.92 -12.72 23.37
CA ASP C 87 -4.94 -11.28 23.66
C ASP C 87 -6.21 -10.71 24.26
N GLY C 88 -7.34 -11.26 23.89
CA GLY C 88 -8.58 -10.58 24.12
C GLY C 88 -9.68 -11.51 24.51
N ALA C 89 -9.49 -12.80 24.34
CA ALA C 89 -10.51 -13.75 24.71
C ALA C 89 -10.45 -14.13 26.18
N CYS C 90 -9.42 -13.69 26.91
CA CYS C 90 -9.35 -14.03 28.33
C CYS C 90 -10.58 -13.52 29.08
N LYS C 91 -11.04 -12.31 28.78
CA LYS C 91 -12.32 -11.90 29.37
C LYS C 91 -13.42 -12.88 28.99
N ALA C 92 -13.46 -13.33 27.74
CA ALA C 92 -14.47 -14.32 27.33
C ALA C 92 -14.38 -15.58 28.18
N PHE C 93 -13.18 -16.13 28.32
CA PHE C 93 -12.98 -17.24 29.26
C PHE C 93 -13.27 -16.80 30.69
N LEU C 94 -12.96 -15.55 31.04
CA LEU C 94 -13.17 -15.04 32.40
C LEU C 94 -14.62 -14.72 32.69
N GLU C 95 -15.41 -14.40 31.66
CA GLU C 95 -16.86 -14.29 31.81
C GLU C 95 -17.50 -15.66 31.94
N GLU C 96 -16.68 -16.70 31.88
CA GLU C 96 -17.14 -18.08 31.93
C GLU C 96 -16.39 -18.87 33.00
N ASN C 97 -15.54 -18.19 33.77
CA ASN C 97 -14.65 -18.80 34.77
C ASN C 97 -13.94 -20.06 34.26
N ILE C 98 -13.40 -20.00 33.03
CA ILE C 98 -12.40 -20.95 32.56
C ILE C 98 -11.09 -20.19 32.38
N ILE C 99 -10.04 -20.63 33.05
CA ILE C 99 -8.79 -19.90 33.09
C ILE C 99 -7.78 -20.60 32.19
N PRO C 100 -7.24 -19.92 31.18
CA PRO C 100 -6.38 -20.58 30.20
C PRO C 100 -4.99 -20.81 30.77
N ASP C 101 -4.43 -21.98 30.45
CA ASP C 101 -3.07 -22.30 30.89
C ASP C 101 -2.03 -21.37 30.27
N ILE C 102 -2.24 -20.93 29.03
CA ILE C 102 -1.31 -20.05 28.32
C ILE C 102 -2.08 -18.87 27.76
N ILE C 103 -1.49 -17.69 27.82
CA ILE C 103 -2.05 -16.51 27.16
C ILE C 103 -0.94 -15.84 26.36
N VAL C 104 -1.21 -15.53 25.10
CA VAL C 104 -0.27 -14.83 24.24
C VAL C 104 -0.84 -13.44 23.97
N SER C 105 -0.19 -12.41 24.51
CA SER C 105 -0.68 -11.05 24.38
C SER C 105 0.43 -10.11 23.91
N ASP C 106 0.01 -9.13 23.10
CA ASP C 106 0.82 -7.98 22.73
C ASP C 106 0.67 -6.82 23.71
N LEU C 107 -0.26 -6.92 24.66
CA LEU C 107 -0.57 -5.93 25.70
C LEU C 107 -1.20 -4.64 25.18
N ASP C 108 -1.56 -4.57 23.89
CA ASP C 108 -2.04 -3.33 23.30
C ASP C 108 -3.52 -3.06 23.58
N GLY C 109 -4.15 -3.84 24.46
CA GLY C 109 -5.55 -3.61 24.77
C GLY C 109 -5.79 -3.31 26.24
N ASP C 110 -6.88 -3.84 26.79
CA ASP C 110 -7.19 -3.68 28.19
C ASP C 110 -6.65 -4.88 28.96
N LEU C 111 -5.79 -4.61 29.94
CA LEU C 111 -5.05 -5.66 30.62
C LEU C 111 -5.71 -6.12 31.91
N GLU C 112 -6.82 -5.51 32.33
CA GLU C 112 -7.53 -6.03 33.50
C GLU C 112 -8.02 -7.45 33.23
N ALA C 113 -8.60 -7.68 32.04
CA ALA C 113 -9.02 -9.03 31.63
C ALA C 113 -7.86 -10.02 31.74
N LEU C 114 -6.68 -9.61 31.26
CA LEU C 114 -5.49 -10.42 31.39
C LEU C 114 -5.01 -10.49 32.84
N PHE C 115 -4.90 -9.32 33.48
CA PHE C 115 -4.36 -9.27 34.84
C PHE C 115 -5.19 -10.13 35.77
N GLU C 116 -6.52 -10.01 35.68
CA GLU C 116 -7.41 -10.84 36.48
C GLU C 116 -7.04 -12.31 36.36
N CYS C 117 -6.66 -12.74 35.15
CA CYS C 117 -6.32 -14.14 34.92
C CYS C 117 -4.94 -14.50 35.46
N ASN C 118 -3.99 -13.57 35.50
CA ASN C 118 -2.63 -13.97 35.83
C ASN C 118 -2.49 -14.33 37.30
N ARG C 119 -3.16 -13.60 38.20
CA ARG C 119 -3.11 -13.98 39.61
C ARG C 119 -3.65 -15.38 39.82
N LYS C 120 -4.66 -15.78 39.03
CA LYS C 120 -5.30 -17.07 39.24
C LYS C 120 -4.53 -18.25 38.67
N GLY C 121 -3.44 -18.00 37.93
CA GLY C 121 -2.52 -19.06 37.54
C GLY C 121 -2.19 -19.14 36.07
N SER C 122 -2.85 -18.38 35.20
CA SER C 122 -2.53 -18.44 33.78
C SER C 122 -1.07 -18.05 33.56
N ILE C 123 -0.41 -18.78 32.67
CA ILE C 123 0.94 -18.47 32.24
C ILE C 123 0.82 -17.51 31.06
N ILE C 124 1.62 -16.45 31.08
CA ILE C 124 1.55 -15.41 30.06
C ILE C 124 2.80 -15.45 29.20
N VAL C 125 2.60 -15.45 27.89
CA VAL C 125 3.65 -15.25 26.91
C VAL C 125 3.46 -13.84 26.37
N VAL C 126 4.49 -13.02 26.51
CA VAL C 126 4.44 -11.62 26.10
C VAL C 126 5.20 -11.46 24.79
N HIS C 127 4.52 -10.94 23.77
CA HIS C 127 5.09 -10.76 22.44
C HIS C 127 5.57 -9.33 22.25
N ALA C 128 6.86 -9.20 21.94
CA ALA C 128 7.50 -7.91 21.73
C ALA C 128 7.62 -7.66 20.22
N HIS C 129 6.68 -6.90 19.68
CA HIS C 129 6.88 -6.26 18.39
C HIS C 129 7.31 -4.81 18.65
N GLY C 130 7.41 -4.01 17.59
CA GLY C 130 7.98 -2.68 17.76
C GLY C 130 7.08 -1.67 18.45
N ASP C 131 5.77 -1.89 18.43
CA ASP C 131 4.81 -0.85 18.81
C ASP C 131 4.40 -0.86 20.28
N ASN C 132 4.85 -1.84 21.07
CA ASN C 132 4.46 -1.96 22.47
C ASN C 132 5.66 -1.78 23.39
N ILE C 133 6.59 -0.89 23.03
CA ILE C 133 7.80 -0.73 23.83
C ILE C 133 7.45 -0.25 25.24
N GLU C 134 6.57 0.76 25.32
CA GLU C 134 6.30 1.36 26.61
C GLU C 134 5.43 0.45 27.50
N LYS C 135 4.48 -0.27 26.90
CA LYS C 135 3.64 -1.19 27.67
C LYS C 135 4.45 -2.37 28.21
N ILE C 136 5.44 -2.84 27.45
CA ILE C 136 6.40 -3.79 28.00
C ILE C 136 7.15 -3.13 29.15
N LYS C 137 7.49 -1.84 29.00
CA LYS C 137 8.25 -1.13 30.02
C LYS C 137 7.46 -1.01 31.31
N LYS C 138 6.14 -0.96 31.22
CA LYS C 138 5.27 -0.77 32.38
C LYS C 138 4.84 -2.10 33.01
N TYR C 139 4.20 -2.98 32.23
CA TYR C 139 3.46 -4.09 32.82
C TYR C 139 4.21 -5.41 32.90
N VAL C 140 5.35 -5.55 32.27
CA VAL C 140 6.01 -6.85 32.39
C VAL C 140 6.55 -7.09 33.80
N PRO C 141 7.15 -6.11 34.51
CA PRO C 141 7.52 -6.38 35.89
C PRO C 141 6.32 -6.46 36.84
N LYS C 142 5.12 -6.15 36.37
CA LYS C 142 3.92 -6.16 37.20
C LYS C 142 3.21 -7.50 37.22
N LEU C 143 3.79 -8.52 36.58
CA LEU C 143 3.11 -9.79 36.32
C LEU C 143 3.96 -10.94 36.87
N LYS C 144 3.48 -12.14 36.64
CA LYS C 144 4.18 -13.34 37.05
C LYS C 144 3.79 -14.45 36.08
N ASN C 145 4.61 -15.49 36.06
CA ASN C 145 4.47 -16.56 35.08
C ASN C 145 4.56 -16.02 33.66
N VAL C 146 5.60 -15.23 33.39
CA VAL C 146 5.78 -14.58 32.10
C VAL C 146 6.89 -15.25 31.31
N VAL C 147 6.67 -15.42 30.00
CA VAL C 147 7.67 -15.91 29.07
C VAL C 147 7.78 -14.93 27.90
N GLY C 148 9.00 -14.81 27.37
CA GLY C 148 9.28 -13.79 26.37
C GLY C 148 9.10 -14.29 24.95
N SER C 149 8.47 -13.44 24.13
CA SER C 149 8.32 -13.69 22.70
C SER C 149 8.63 -12.41 21.93
N CYS C 150 9.22 -12.58 20.74
CA CYS C 150 9.61 -11.49 19.87
C CYS C 150 9.44 -11.95 18.44
N GLN C 151 9.33 -10.98 17.53
CA GLN C 151 9.28 -11.30 16.11
C GLN C 151 10.67 -11.57 15.54
N ILE C 152 11.72 -11.10 16.20
CA ILE C 152 13.07 -11.10 15.66
C ILE C 152 13.58 -12.51 15.37
N PRO C 153 13.77 -12.88 14.09
CA PRO C 153 14.26 -14.23 13.78
C PRO C 153 15.58 -14.57 14.43
N ASN C 154 16.45 -13.57 14.59
CA ASN C 154 17.83 -13.77 15.04
C ASN C 154 17.98 -13.54 16.54
N TYR C 155 16.97 -13.95 17.32
CA TYR C 155 16.97 -13.69 18.74
C TYR C 155 18.11 -14.43 19.43
N LYS C 156 18.56 -15.54 18.87
CA LYS C 156 19.60 -16.34 19.52
C LYS C 156 21.00 -15.79 19.29
N GLU C 157 21.27 -15.18 18.13
CA GLU C 157 22.57 -14.60 17.84
C GLU C 157 22.67 -13.14 18.28
N LEU C 158 21.54 -12.51 18.59
CA LEU C 158 21.54 -11.29 19.38
C LEU C 158 21.80 -11.58 20.85
N ASN C 159 21.97 -12.84 21.22
CA ASN C 159 22.23 -13.26 22.60
C ASN C 159 21.12 -12.84 23.55
N LEU C 160 19.89 -12.94 23.08
CA LEU C 160 18.68 -12.68 23.89
C LEU C 160 18.19 -14.04 24.36
N ARG C 161 18.18 -14.28 25.67
CA ARG C 161 17.89 -15.66 26.12
C ARG C 161 16.69 -15.70 27.06
N ASN C 162 16.05 -14.58 27.31
CA ASN C 162 14.86 -14.69 28.17
C ASN C 162 13.63 -14.69 27.26
N VAL C 163 13.86 -14.66 25.96
CA VAL C 163 12.79 -14.66 24.97
C VAL C 163 13.01 -15.82 24.01
N ILE C 164 11.96 -16.14 23.25
CA ILE C 164 12.01 -17.17 22.22
C ILE C 164 11.13 -16.71 21.06
N ASN C 165 11.38 -17.30 19.88
CA ASN C 165 10.56 -17.04 18.71
C ASN C 165 10.40 -18.35 17.96
N PHE C 166 9.18 -18.82 17.89
CA PHE C 166 8.86 -20.02 17.14
C PHE C 166 8.13 -19.70 15.85
N GLY C 167 8.17 -18.44 15.42
CA GLY C 167 7.52 -18.04 14.18
C GLY C 167 6.09 -17.61 14.42
N GLY C 168 5.50 -17.06 13.36
CA GLY C 168 4.12 -16.64 13.43
C GLY C 168 4.00 -15.13 13.47
N PHE C 169 3.02 -14.60 12.74
CA PHE C 169 2.89 -13.16 12.66
C PHE C 169 1.92 -12.61 13.71
N THR C 170 0.64 -12.97 13.62
CA THR C 170 -0.33 -12.47 14.58
C THR C 170 -0.17 -13.21 15.90
N ASP C 171 -0.89 -12.74 16.92
CA ASP C 171 -0.83 -13.37 18.22
C ASP C 171 -1.40 -14.79 18.14
N GLY C 172 -2.66 -14.91 17.71
CA GLY C 172 -3.24 -16.23 17.52
C GLY C 172 -2.36 -17.14 16.67
N ASP C 173 -1.63 -16.55 15.72
CA ASP C 173 -0.69 -17.33 14.92
C ASP C 173 0.31 -18.08 15.80
N ARG C 174 0.92 -17.39 16.77
CA ARG C 174 2.07 -17.97 17.48
C ARG C 174 1.68 -19.03 18.49
N CYS C 175 0.44 -19.00 18.99
CA CYS C 175 -0.03 -20.08 19.85
C CYS C 175 0.04 -21.40 19.11
N CYS C 176 -0.47 -21.40 17.87
CA CYS C 176 -0.37 -22.56 17.00
C CYS C 176 1.09 -22.96 16.80
N PHE C 177 1.96 -21.96 16.60
CA PHE C 177 3.37 -22.22 16.43
C PHE C 177 4.04 -22.56 17.76
N LEU C 178 3.56 -21.99 18.85
CA LEU C 178 4.02 -22.40 20.18
C LEU C 178 3.55 -23.80 20.49
N ALA C 179 2.28 -24.09 20.19
CA ALA C 179 1.74 -25.43 20.40
C ALA C 179 2.45 -26.46 19.51
N TYR C 180 2.55 -26.15 18.23
CA TYR C 180 3.20 -27.10 17.31
C TYR C 180 4.62 -27.39 17.75
N HIS C 181 5.36 -26.35 18.14
CA HIS C 181 6.78 -26.55 18.52
C HIS C 181 6.91 -27.26 19.86
N PHE C 182 5.91 -27.20 20.72
CA PHE C 182 6.08 -27.91 22.01
C PHE C 182 5.63 -29.36 21.89
N LYS C 183 5.57 -29.91 20.66
CA LYS C 183 5.28 -31.34 20.44
C LYS C 183 3.84 -31.73 20.79
N ALA C 184 2.89 -30.84 20.49
CA ALA C 184 1.49 -31.15 20.70
C ALA C 184 0.98 -32.03 19.57
N LYS C 185 -0.06 -32.81 19.86
CA LYS C 185 -0.56 -33.76 18.87
C LYS C 185 -1.54 -33.15 17.88
N LYS C 186 -2.47 -32.32 18.34
CA LYS C 186 -3.50 -31.75 17.46
C LYS C 186 -3.93 -30.39 17.99
N LEU C 187 -4.45 -29.54 17.08
CA LEU C 187 -4.95 -28.22 17.44
C LEU C 187 -6.44 -28.15 17.18
N ILE C 188 -7.14 -27.39 18.02
CA ILE C 188 -8.59 -27.21 17.92
C ILE C 188 -8.89 -25.73 18.12
N LEU C 189 -9.09 -25.02 17.00
CA LEU C 189 -9.17 -23.57 17.02
C LEU C 189 -10.59 -23.09 17.28
N GLY C 190 -10.70 -21.93 17.96
CA GLY C 190 -11.99 -21.38 18.33
C GLY C 190 -12.21 -19.93 17.96
N GLY C 191 -11.64 -19.49 16.83
CA GLY C 191 -11.85 -18.13 16.37
C GLY C 191 -11.54 -17.93 14.90
N MET C 192 -12.46 -17.31 14.17
CA MET C 192 -12.31 -17.13 12.73
C MET C 192 -12.04 -15.65 12.38
N ILE C 218 -8.48 -7.11 6.82
CA ILE C 218 -7.15 -6.51 6.83
C ILE C 218 -6.10 -7.59 6.55
N LYS C 219 -4.91 -7.16 6.11
CA LYS C 219 -3.86 -8.10 5.73
C LYS C 219 -3.42 -8.98 6.90
N LYS C 220 -3.67 -8.53 8.13
CA LYS C 220 -3.36 -9.33 9.30
C LYS C 220 -3.97 -10.73 9.19
N LEU C 221 -5.25 -10.80 8.83
CA LEU C 221 -5.92 -12.10 8.79
C LEU C 221 -5.50 -12.92 7.60
N GLU C 222 -5.28 -12.27 6.44
CA GLU C 222 -4.83 -13.00 5.26
C GLU C 222 -3.48 -13.65 5.51
N TYR C 223 -2.62 -13.00 6.30
CA TYR C 223 -1.33 -13.57 6.67
C TYR C 223 -1.49 -14.70 7.68
N ALA C 224 -2.48 -14.60 8.56
CA ALA C 224 -2.71 -15.67 9.53
C ALA C 224 -3.26 -16.92 8.86
N LYS C 225 -4.22 -16.75 7.95
CA LYS C 225 -4.81 -17.90 7.26
C LYS C 225 -3.76 -18.69 6.50
N THR C 226 -2.92 -18.01 5.72
CA THR C 226 -1.86 -18.73 5.02
C THR C 226 -0.84 -19.31 5.99
N LEU C 227 -0.69 -18.69 7.16
CA LEU C 227 0.31 -19.15 8.11
C LEU C 227 -0.10 -20.49 8.74
N ILE C 228 -1.35 -20.61 9.20
CA ILE C 228 -1.78 -21.89 9.76
C ILE C 228 -2.10 -22.90 8.66
N ASN C 229 -2.37 -22.42 7.44
CA ASN C 229 -2.48 -23.33 6.30
C ASN C 229 -1.22 -24.18 6.17
N TYR C 230 -0.05 -23.52 6.11
CA TYR C 230 1.21 -24.24 6.00
C TYR C 230 1.45 -25.15 7.20
N LEU C 231 0.94 -24.78 8.38
CA LEU C 231 1.10 -25.59 9.57
C LEU C 231 0.28 -26.88 9.48
N LYS C 232 -0.81 -26.87 8.70
CA LYS C 232 -1.72 -28.00 8.63
C LYS C 232 -1.05 -29.27 8.15
N ASP C 233 0.12 -29.17 7.51
CA ASP C 233 0.77 -30.34 6.94
C ASP C 233 1.73 -31.01 7.91
N LYS C 234 2.13 -30.32 8.99
CA LYS C 234 3.02 -30.90 9.99
C LYS C 234 2.28 -31.27 11.27
N ILE C 235 1.04 -30.84 11.42
CA ILE C 235 0.26 -31.09 12.63
C ILE C 235 -1.22 -31.15 12.25
N GLU C 236 -1.99 -31.85 13.07
CA GLU C 236 -3.42 -31.99 12.82
C GLU C 236 -4.14 -30.76 13.38
N ILE C 237 -4.86 -30.05 12.52
CA ILE C 237 -5.56 -28.83 12.87
C ILE C 237 -7.02 -29.00 12.48
N GLU C 238 -7.92 -28.84 13.47
CA GLU C 238 -9.35 -28.87 13.23
C GLU C 238 -10.01 -27.73 14.00
N PHE C 239 -11.19 -27.33 13.54
CA PHE C 239 -11.81 -26.08 13.98
C PHE C 239 -13.21 -26.31 14.54
N LEU C 240 -13.63 -25.37 15.38
CA LEU C 240 -14.95 -25.39 16.01
C LEU C 240 -15.96 -24.66 15.12
N LYS C 241 -17.25 -24.93 15.38
CA LYS C 241 -18.33 -24.29 14.64
C LYS C 241 -19.66 -24.28 15.43
N GLU D 5 8.92 -6.50 -6.77
CA GLU D 5 8.27 -7.18 -5.65
C GLU D 5 8.97 -8.51 -5.35
N TRP D 6 9.75 -9.00 -6.31
CA TRP D 6 10.67 -10.11 -6.08
C TRP D 6 11.99 -9.64 -5.49
N GLU D 7 12.09 -8.34 -5.16
CA GLU D 7 13.32 -7.80 -4.61
C GLU D 7 13.70 -8.46 -3.29
N ILE D 8 12.70 -8.93 -2.54
CA ILE D 8 12.97 -9.41 -1.17
C ILE D 8 13.80 -10.69 -1.19
N PHE D 9 13.32 -11.72 -1.89
CA PHE D 9 14.11 -12.94 -2.02
C PHE D 9 15.41 -12.64 -2.74
N TYR D 10 15.33 -11.89 -3.84
CA TYR D 10 16.53 -11.55 -4.61
C TYR D 10 17.58 -10.93 -3.72
N ASN D 11 17.22 -9.88 -2.98
CA ASN D 11 18.21 -9.19 -2.14
C ASN D 11 18.94 -10.16 -1.24
N LYS D 12 18.19 -11.05 -0.56
CA LYS D 12 18.84 -11.92 0.42
C LYS D 12 19.70 -12.98 -0.25
N ILE D 13 19.22 -13.56 -1.36
CA ILE D 13 19.95 -14.66 -2.00
C ILE D 13 21.39 -14.26 -2.29
N MET D 14 21.57 -13.07 -2.85
CA MET D 14 22.91 -12.56 -3.24
C MET D 14 23.72 -12.18 -2.01
N GLU D 15 23.05 -11.67 -0.97
CA GLU D 15 23.71 -11.26 0.29
C GLU D 15 24.26 -12.51 0.97
N ASP D 16 23.50 -13.59 0.90
CA ASP D 16 23.90 -14.86 1.58
C ASP D 16 24.96 -15.59 0.77
N PHE D 17 24.74 -15.75 -0.54
CA PHE D 17 25.70 -16.39 -1.41
C PHE D 17 26.88 -15.50 -1.77
N GLY D 18 26.75 -14.19 -1.57
CA GLY D 18 27.84 -13.30 -1.90
C GLY D 18 28.17 -13.19 -3.37
N PHE D 19 27.16 -13.10 -4.24
CA PHE D 19 27.43 -12.82 -5.64
C PHE D 19 27.21 -11.34 -5.96
N ASP D 20 27.72 -10.96 -7.13
CA ASP D 20 27.83 -9.58 -7.58
C ASP D 20 26.53 -9.19 -8.25
N LYS D 21 25.93 -8.12 -7.78
CA LYS D 21 24.82 -7.61 -8.55
C LYS D 21 25.31 -6.90 -9.80
N ASP D 22 26.47 -6.24 -9.72
CA ASP D 22 27.01 -5.51 -10.86
C ASP D 22 27.30 -6.45 -12.02
N LYS D 23 27.93 -7.60 -11.74
CA LYS D 23 28.10 -8.62 -12.75
C LYS D 23 26.77 -9.26 -13.13
N ASP D 24 25.77 -9.19 -12.25
CA ASP D 24 24.45 -9.72 -12.57
C ASP D 24 23.74 -8.85 -13.61
N VAL D 25 23.67 -7.55 -13.37
CA VAL D 25 22.97 -6.68 -14.32
C VAL D 25 23.66 -6.67 -15.67
N GLU D 26 24.99 -6.68 -15.70
CA GLU D 26 25.71 -6.66 -16.97
C GLU D 26 25.37 -7.87 -17.82
N SER D 27 25.13 -9.02 -17.17
CA SER D 27 24.72 -10.21 -17.90
C SER D 27 23.33 -10.04 -18.50
N ALA D 28 22.37 -9.57 -17.69
CA ALA D 28 21.04 -9.31 -18.23
C ALA D 28 21.08 -8.28 -19.35
N VAL D 29 22.02 -7.33 -19.27
CA VAL D 29 22.12 -6.31 -20.30
C VAL D 29 22.67 -6.90 -21.60
N ILE D 30 23.78 -7.64 -21.50
CA ILE D 30 24.38 -8.28 -22.68
C ILE D 30 23.35 -9.18 -23.38
N LEU D 31 22.66 -10.02 -22.61
CA LEU D 31 21.75 -11.00 -23.21
C LEU D 31 20.54 -10.35 -23.87
N ASN D 32 19.98 -9.30 -23.25
CA ASN D 32 18.88 -8.62 -23.91
C ASN D 32 19.35 -7.94 -25.19
N ASN D 33 20.59 -7.47 -25.21
CA ASN D 33 21.15 -6.90 -26.43
C ASN D 33 21.25 -7.96 -27.53
N ILE D 34 21.82 -9.12 -27.23
CA ILE D 34 21.98 -10.17 -28.23
C ILE D 34 20.63 -10.66 -28.75
N LEU D 35 19.58 -10.50 -27.97
CA LEU D 35 18.28 -11.02 -28.38
C LEU D 35 17.53 -10.07 -29.30
N GLU D 36 17.99 -8.83 -29.48
CA GLU D 36 17.32 -7.98 -30.47
C GLU D 36 17.70 -8.38 -31.90
N ASN D 37 18.88 -8.95 -32.10
CA ASN D 37 19.35 -9.38 -33.41
C ASN D 37 19.41 -10.90 -33.54
N ALA D 38 18.42 -11.60 -32.97
CA ALA D 38 18.50 -13.07 -32.88
C ALA D 38 17.12 -13.70 -33.05
N ASN D 39 17.05 -15.00 -32.75
CA ASN D 39 15.91 -15.87 -33.08
C ASN D 39 14.87 -15.88 -31.95
N THR D 40 14.34 -14.71 -31.65
CA THR D 40 13.47 -14.53 -30.50
C THR D 40 12.13 -15.23 -30.69
N ILE D 41 11.49 -15.52 -29.57
CA ILE D 41 10.23 -16.25 -29.55
C ILE D 41 9.17 -15.36 -28.91
N PRO D 42 8.06 -15.13 -29.56
CA PRO D 42 6.98 -14.40 -28.91
C PRO D 42 6.59 -15.05 -27.59
N VAL D 43 6.54 -14.25 -26.53
CA VAL D 43 6.26 -14.80 -25.22
C VAL D 43 4.84 -15.34 -25.08
N ASP D 44 3.90 -14.91 -25.94
CA ASP D 44 2.53 -15.42 -25.89
C ASP D 44 2.42 -16.85 -26.39
N LYS D 45 3.49 -17.40 -26.98
CA LYS D 45 3.47 -18.80 -27.40
C LYS D 45 3.50 -19.74 -26.19
N LEU D 46 4.36 -19.44 -25.21
CA LEU D 46 4.40 -20.24 -23.99
C LEU D 46 3.15 -20.07 -23.16
N LYS D 47 2.43 -18.96 -23.31
CA LYS D 47 1.14 -18.84 -22.66
C LYS D 47 0.19 -19.92 -23.16
N ASP D 48 0.13 -20.13 -24.47
CA ASP D 48 -0.76 -21.15 -25.03
C ASP D 48 -0.34 -22.56 -24.66
N ILE D 49 0.94 -22.80 -24.42
CA ILE D 49 1.40 -24.11 -23.98
C ILE D 49 1.10 -24.34 -22.50
N ILE D 50 0.94 -23.27 -21.71
CA ILE D 50 0.76 -23.37 -20.26
C ILE D 50 -0.66 -23.02 -19.84
N GLU D 51 -1.34 -22.14 -20.57
CA GLU D 51 -2.68 -21.71 -20.20
C GLU D 51 -3.58 -22.93 -20.07
N GLY D 52 -4.18 -23.07 -18.88
CA GLY D 52 -5.15 -24.12 -18.62
C GLY D 52 -4.64 -25.54 -18.82
N ARG D 53 -3.48 -25.85 -18.25
CA ARG D 53 -2.93 -27.20 -18.36
C ARG D 53 -2.26 -27.60 -17.05
N GLU D 54 -2.03 -28.90 -16.90
CA GLU D 54 -1.31 -29.47 -15.76
C GLU D 54 0.12 -29.71 -16.26
N VAL D 55 1.10 -29.02 -15.71
CA VAL D 55 2.42 -29.07 -16.31
C VAL D 55 3.33 -30.01 -15.52
N PHE D 56 4.24 -30.71 -16.24
CA PHE D 56 5.26 -31.54 -15.62
C PHE D 56 6.63 -30.85 -15.62
N ILE D 57 7.24 -30.74 -14.44
CA ILE D 57 8.54 -30.10 -14.23
C ILE D 57 9.54 -31.15 -13.76
N PHE D 58 10.71 -31.20 -14.39
CA PHE D 58 11.69 -32.26 -14.12
C PHE D 58 13.06 -31.66 -13.80
N GLY D 59 13.45 -31.73 -12.51
CA GLY D 59 14.81 -31.44 -12.12
C GLY D 59 15.73 -32.62 -12.37
N ALA D 60 17.04 -32.38 -12.21
CA ALA D 60 18.03 -33.42 -12.54
C ALA D 60 18.33 -34.33 -11.36
N GLY D 61 17.28 -34.85 -10.73
CA GLY D 61 17.43 -35.59 -9.51
C GLY D 61 17.82 -37.03 -9.77
N PRO D 62 18.10 -37.75 -8.69
CA PRO D 62 18.33 -39.20 -8.84
C PRO D 62 17.11 -39.93 -9.37
N SER D 63 15.94 -39.41 -9.09
CA SER D 63 14.69 -40.09 -9.37
C SER D 63 14.14 -39.73 -10.72
N ILE D 64 14.95 -39.09 -11.57
CA ILE D 64 14.41 -38.47 -12.77
C ILE D 64 14.04 -39.53 -13.80
N LYS D 65 14.97 -40.43 -14.13
CA LYS D 65 14.62 -41.47 -15.07
C LYS D 65 13.52 -42.36 -14.52
N LYS D 66 13.40 -42.46 -13.21
CA LYS D 66 12.30 -43.28 -12.66
C LYS D 66 10.97 -42.56 -12.94
N HIS D 67 10.97 -41.24 -12.87
CA HIS D 67 9.71 -40.49 -13.10
C HIS D 67 9.47 -40.39 -14.60
N ILE D 68 10.52 -40.49 -15.40
CA ILE D 68 10.29 -40.41 -16.86
C ILE D 68 9.42 -41.59 -17.24
N ASN D 69 9.81 -42.81 -16.83
CA ASN D 69 9.03 -43.99 -17.18
C ASN D 69 7.58 -43.87 -16.71
N ILE D 70 7.39 -43.32 -15.50
CA ILE D 70 6.05 -43.01 -15.01
C ILE D 70 5.35 -42.03 -15.92
N LEU D 71 6.07 -40.99 -16.34
CA LEU D 71 5.49 -39.99 -17.23
C LEU D 71 5.02 -40.62 -18.53
N LYS D 72 5.71 -41.67 -18.97
CA LYS D 72 5.26 -42.40 -20.14
C LYS D 72 3.95 -43.12 -19.88
N GLU D 73 3.86 -43.78 -18.73
CA GLU D 73 2.65 -44.55 -18.42
C GLU D 73 1.43 -43.64 -18.43
N LEU D 74 1.58 -42.38 -17.99
CA LEU D 74 0.44 -41.49 -17.93
C LEU D 74 0.01 -41.03 -19.32
N ARG D 75 0.97 -40.70 -20.19
CA ARG D 75 0.58 -40.37 -21.56
C ARG D 75 -0.11 -41.55 -22.23
N GLU D 76 0.37 -42.76 -21.94
CA GLU D 76 -0.13 -43.96 -22.60
C GLU D 76 -1.65 -44.09 -22.53
N ILE D 77 -2.28 -43.37 -21.60
CA ILE D 77 -3.73 -43.37 -21.46
C ILE D 77 -4.27 -42.08 -22.07
N ASN D 78 -3.58 -41.58 -23.12
CA ASN D 78 -3.97 -40.35 -23.80
C ASN D 78 -4.09 -39.18 -22.82
N TYR D 79 -3.17 -39.15 -21.85
CA TYR D 79 -3.14 -38.19 -20.74
C TYR D 79 -1.71 -37.65 -20.64
N LYS D 80 -1.34 -36.64 -21.42
CA LYS D 80 -0.06 -35.98 -21.15
C LYS D 80 0.01 -34.53 -21.59
N ASN D 81 0.72 -33.76 -20.79
CA ASN D 81 0.73 -32.30 -20.77
C ASN D 81 2.12 -31.74 -20.99
N PRO D 82 2.30 -30.41 -20.95
CA PRO D 82 3.63 -29.83 -21.19
C PRO D 82 4.68 -30.32 -20.19
N ILE D 83 5.92 -30.32 -20.65
CA ILE D 83 7.06 -30.82 -19.89
C ILE D 83 8.15 -29.77 -19.87
N ILE D 84 8.52 -29.31 -18.66
CA ILE D 84 9.58 -28.32 -18.45
C ILE D 84 10.74 -28.95 -17.71
N VAL D 85 11.94 -28.68 -18.21
CA VAL D 85 13.18 -29.33 -17.71
C VAL D 85 14.07 -28.29 -17.05
N ALA D 86 15.09 -28.75 -16.33
CA ALA D 86 15.98 -27.80 -15.64
C ALA D 86 17.43 -28.26 -15.79
N ASP D 87 18.27 -27.39 -16.34
CA ASP D 87 19.72 -27.67 -16.50
C ASP D 87 19.89 -29.01 -17.24
N GLY D 88 20.71 -29.91 -16.70
CA GLY D 88 21.03 -31.18 -17.39
C GLY D 88 20.07 -32.33 -17.16
N ALA D 89 18.79 -32.13 -17.40
CA ALA D 89 17.83 -33.25 -17.25
C ALA D 89 17.32 -33.62 -18.64
N CYS D 90 17.67 -32.83 -19.65
CA CYS D 90 17.28 -33.14 -21.02
C CYS D 90 17.98 -34.38 -21.54
N LYS D 91 19.21 -34.65 -21.09
CA LYS D 91 19.87 -35.90 -21.50
C LYS D 91 19.04 -37.11 -21.08
N ALA D 92 18.43 -37.05 -19.91
CA ALA D 92 17.57 -38.14 -19.45
C ALA D 92 16.33 -38.28 -20.32
N PHE D 93 15.69 -37.15 -20.64
CA PHE D 93 14.57 -37.18 -21.56
C PHE D 93 15.00 -37.60 -22.96
N LEU D 94 16.16 -37.10 -23.42
CA LEU D 94 16.62 -37.40 -24.78
C LEU D 94 16.83 -38.88 -24.97
N GLU D 95 17.49 -39.51 -24.01
CA GLU D 95 17.80 -40.93 -24.11
C GLU D 95 16.53 -41.75 -24.19
N GLU D 96 15.41 -41.18 -23.78
CA GLU D 96 14.16 -41.91 -23.68
C GLU D 96 13.20 -41.59 -24.81
N ASN D 97 13.69 -40.87 -25.84
CA ASN D 97 12.94 -40.47 -27.02
C ASN D 97 11.76 -39.54 -26.71
N ILE D 98 11.72 -38.96 -25.51
CA ILE D 98 10.70 -37.99 -25.12
C ILE D 98 11.34 -36.60 -25.12
N ILE D 99 10.67 -35.64 -25.76
CA ILE D 99 11.24 -34.32 -26.03
C ILE D 99 10.79 -33.34 -24.95
N PRO D 100 11.66 -32.53 -24.41
CA PRO D 100 11.22 -31.53 -23.44
C PRO D 100 10.54 -30.38 -24.14
N ASP D 101 9.31 -30.04 -23.74
CA ASP D 101 8.63 -28.91 -24.39
C ASP D 101 9.37 -27.59 -24.16
N ILE D 102 9.77 -27.32 -22.91
CA ILE D 102 10.46 -26.08 -22.53
C ILE D 102 11.61 -26.44 -21.61
N ILE D 103 12.78 -25.86 -21.84
CA ILE D 103 13.94 -26.05 -20.98
C ILE D 103 14.44 -24.71 -20.49
N VAL D 104 14.64 -24.59 -19.18
CA VAL D 104 15.23 -23.42 -18.55
C VAL D 104 16.67 -23.80 -18.23
N SER D 105 17.63 -23.13 -18.86
CA SER D 105 19.02 -23.49 -18.76
C SER D 105 19.90 -22.28 -18.45
N ASP D 106 21.02 -22.56 -17.80
CA ASP D 106 22.05 -21.58 -17.47
C ASP D 106 23.24 -21.66 -18.41
N LEU D 107 23.31 -22.72 -19.22
CA LEU D 107 24.41 -23.00 -20.15
C LEU D 107 25.67 -23.53 -19.47
N ASP D 108 25.59 -23.88 -18.18
CA ASP D 108 26.74 -24.28 -17.38
C ASP D 108 26.87 -25.79 -17.22
N GLY D 109 26.53 -26.55 -18.24
CA GLY D 109 26.63 -28.00 -18.21
C GLY D 109 27.00 -28.58 -19.56
N ASP D 110 26.60 -29.83 -19.79
CA ASP D 110 26.83 -30.48 -21.08
C ASP D 110 25.80 -29.95 -22.07
N LEU D 111 26.20 -28.96 -22.87
CA LEU D 111 25.26 -28.35 -23.79
C LEU D 111 24.91 -29.27 -24.96
N GLU D 112 25.59 -30.42 -25.06
CA GLU D 112 25.26 -31.40 -26.09
C GLU D 112 23.78 -31.75 -26.08
N ALA D 113 23.28 -32.18 -24.92
CA ALA D 113 21.87 -32.58 -24.82
C ALA D 113 20.96 -31.40 -25.12
N LEU D 114 21.24 -30.25 -24.49
CA LEU D 114 20.46 -29.05 -24.71
C LEU D 114 20.28 -28.76 -26.20
N PHE D 115 21.39 -28.74 -26.94
CA PHE D 115 21.35 -28.37 -28.35
C PHE D 115 20.58 -29.38 -29.18
N GLU D 116 20.64 -30.66 -28.79
CA GLU D 116 19.89 -31.69 -29.57
C GLU D 116 18.39 -31.44 -29.47
N CYS D 117 17.89 -31.09 -28.29
CA CYS D 117 16.44 -30.83 -28.14
C CYS D 117 16.07 -29.54 -28.86
N ASN D 118 16.99 -28.58 -28.91
CA ASN D 118 16.69 -27.34 -29.66
C ASN D 118 16.42 -27.75 -31.10
N ARG D 119 17.25 -28.63 -31.66
CA ARG D 119 16.97 -29.09 -33.01
C ARG D 119 15.64 -29.84 -33.09
N LYS D 120 15.28 -30.58 -32.04
CA LYS D 120 14.07 -31.40 -32.01
C LYS D 120 12.83 -30.62 -31.61
N GLY D 121 12.94 -29.30 -31.44
CA GLY D 121 11.79 -28.47 -31.19
C GLY D 121 11.56 -28.02 -29.76
N SER D 122 12.54 -28.19 -28.88
CA SER D 122 12.34 -27.72 -27.51
C SER D 122 12.56 -26.21 -27.45
N ILE D 123 11.62 -25.53 -26.80
CA ILE D 123 11.81 -24.15 -26.39
C ILE D 123 12.94 -24.08 -25.38
N ILE D 124 13.96 -23.26 -25.67
CA ILE D 124 15.11 -23.09 -24.80
C ILE D 124 15.01 -21.75 -24.09
N VAL D 125 14.96 -21.78 -22.77
CA VAL D 125 14.93 -20.60 -21.94
C VAL D 125 16.31 -20.46 -21.32
N VAL D 126 17.03 -19.43 -21.70
CA VAL D 126 18.40 -19.23 -21.23
C VAL D 126 18.38 -18.08 -20.23
N HIS D 127 18.61 -18.45 -18.97
CA HIS D 127 18.60 -17.51 -17.85
C HIS D 127 19.98 -16.88 -17.70
N ALA D 128 20.00 -15.58 -17.40
CA ALA D 128 21.23 -14.78 -17.29
C ALA D 128 21.50 -14.47 -15.83
N HIS D 129 22.63 -14.96 -15.31
CA HIS D 129 23.11 -14.62 -13.98
C HIS D 129 24.54 -14.08 -14.06
N GLY D 130 25.17 -13.92 -12.89
CA GLY D 130 26.39 -13.14 -12.81
C GLY D 130 27.57 -13.75 -13.55
N ASP D 131 27.64 -15.08 -13.61
CA ASP D 131 28.86 -15.73 -14.07
C ASP D 131 28.67 -16.67 -15.24
N ASN D 132 27.83 -16.31 -16.21
CA ASN D 132 27.72 -17.09 -17.43
C ASN D 132 27.80 -16.18 -18.65
N ILE D 133 28.50 -15.05 -18.51
CA ILE D 133 28.54 -14.05 -19.56
C ILE D 133 29.18 -14.64 -20.82
N GLU D 134 30.31 -15.32 -20.65
CA GLU D 134 31.02 -15.85 -21.80
C GLU D 134 30.26 -17.02 -22.44
N LYS D 135 29.57 -17.83 -21.61
CA LYS D 135 28.79 -18.94 -22.14
C LYS D 135 27.61 -18.43 -22.96
N ILE D 136 26.87 -17.46 -22.42
CA ILE D 136 25.80 -16.83 -23.18
C ILE D 136 26.33 -16.36 -24.52
N LYS D 137 27.38 -15.52 -24.50
CA LYS D 137 27.84 -14.80 -25.70
C LYS D 137 28.17 -15.74 -26.84
N LYS D 138 28.62 -16.95 -26.53
CA LYS D 138 28.97 -17.93 -27.55
C LYS D 138 27.74 -18.70 -28.04
N TYR D 139 27.00 -19.31 -27.12
CA TYR D 139 26.02 -20.33 -27.49
C TYR D 139 24.69 -19.74 -27.93
N VAL D 140 24.31 -18.58 -27.38
CA VAL D 140 23.01 -18.02 -27.77
C VAL D 140 22.87 -17.75 -29.26
N PRO D 141 23.86 -17.17 -29.98
CA PRO D 141 23.76 -17.10 -31.45
C PRO D 141 23.51 -18.47 -32.07
N LYS D 142 24.11 -19.52 -31.51
CA LYS D 142 24.01 -20.88 -32.04
C LYS D 142 22.71 -21.59 -31.67
N LEU D 143 21.82 -20.93 -30.94
CA LEU D 143 20.56 -21.53 -30.55
C LEU D 143 19.45 -21.01 -31.47
N LYS D 144 18.26 -21.55 -31.27
CA LYS D 144 17.04 -21.10 -31.92
C LYS D 144 15.87 -21.45 -31.02
N ASN D 145 14.76 -20.74 -31.19
CA ASN D 145 13.61 -20.84 -30.30
C ASN D 145 14.03 -20.55 -28.85
N VAL D 146 14.58 -19.35 -28.64
CA VAL D 146 15.12 -18.97 -27.34
C VAL D 146 14.38 -17.75 -26.81
N VAL D 147 14.08 -17.78 -25.52
CA VAL D 147 13.65 -16.61 -24.78
C VAL D 147 14.58 -16.44 -23.58
N GLY D 148 14.91 -15.19 -23.29
CA GLY D 148 15.92 -14.86 -22.29
C GLY D 148 15.28 -14.57 -20.95
N SER D 149 15.90 -15.11 -19.90
CA SER D 149 15.49 -14.85 -18.52
C SER D 149 16.65 -14.18 -17.80
N CYS D 150 16.31 -13.27 -16.85
CA CYS D 150 17.34 -12.56 -16.09
C CYS D 150 16.96 -12.57 -14.62
N GLN D 151 17.98 -12.60 -13.76
CA GLN D 151 17.73 -12.67 -12.32
C GLN D 151 17.12 -11.37 -11.81
N ILE D 152 17.61 -10.25 -12.32
CA ILE D 152 17.36 -8.92 -11.78
C ILE D 152 15.88 -8.57 -11.73
N PRO D 153 15.43 -7.90 -10.66
CA PRO D 153 13.99 -7.63 -10.50
C PRO D 153 13.52 -6.40 -11.27
N ASN D 154 14.43 -5.53 -11.69
CA ASN D 154 14.08 -4.28 -12.36
C ASN D 154 14.57 -4.26 -13.80
N TYR D 155 14.44 -5.38 -14.49
CA TYR D 155 14.82 -5.44 -15.89
C TYR D 155 13.94 -4.54 -16.74
N LYS D 156 12.67 -4.38 -16.33
CA LYS D 156 11.76 -3.52 -17.07
C LYS D 156 12.20 -2.06 -16.97
N GLU D 157 12.74 -1.66 -15.82
CA GLU D 157 13.19 -0.28 -15.62
C GLU D 157 14.52 0.00 -16.30
N LEU D 158 15.32 -1.03 -16.56
CA LEU D 158 16.51 -0.92 -17.38
C LEU D 158 16.17 -0.99 -18.86
N ASN D 159 14.88 -1.06 -19.21
CA ASN D 159 14.42 -1.06 -20.61
C ASN D 159 14.99 -2.23 -21.40
N LEU D 160 14.90 -3.42 -20.83
CA LEU D 160 15.30 -4.67 -21.47
C LEU D 160 14.00 -5.41 -21.82
N ARG D 161 13.62 -5.39 -23.09
CA ARG D 161 12.36 -5.96 -23.52
C ARG D 161 12.50 -7.29 -24.24
N ASN D 162 13.73 -7.73 -24.52
CA ASN D 162 13.96 -9.06 -25.06
C ASN D 162 14.23 -10.09 -23.96
N VAL D 163 14.04 -9.71 -22.70
CA VAL D 163 14.28 -10.56 -21.54
C VAL D 163 13.05 -10.50 -20.64
N ILE D 164 12.89 -11.53 -19.80
CA ILE D 164 11.80 -11.58 -18.84
C ILE D 164 12.26 -12.24 -17.56
N ASN D 165 11.49 -11.99 -16.49
CA ASN D 165 11.75 -12.58 -15.18
C ASN D 165 10.44 -12.65 -14.42
N PHE D 166 10.05 -13.85 -13.99
CA PHE D 166 8.84 -14.06 -13.20
C PHE D 166 9.13 -14.70 -11.85
N GLY D 167 10.36 -14.58 -11.38
CA GLY D 167 10.77 -15.20 -10.13
C GLY D 167 11.71 -16.38 -10.36
N GLY D 168 12.26 -16.84 -9.26
CA GLY D 168 13.04 -18.07 -9.28
C GLY D 168 14.53 -17.82 -9.15
N PHE D 169 15.21 -18.73 -8.46
CA PHE D 169 16.65 -18.64 -8.28
C PHE D 169 17.37 -19.76 -9.01
N THR D 170 17.08 -21.01 -8.65
CA THR D 170 17.61 -22.12 -9.41
C THR D 170 16.73 -22.36 -10.62
N ASP D 171 17.26 -23.10 -11.58
CA ASP D 171 16.45 -23.48 -12.73
C ASP D 171 15.36 -24.47 -12.37
N GLY D 172 15.42 -25.11 -11.21
CA GLY D 172 14.28 -25.86 -10.73
C GLY D 172 13.08 -24.96 -10.53
N ASP D 173 13.14 -24.08 -9.54
CA ASP D 173 12.00 -23.22 -9.25
C ASP D 173 11.74 -22.19 -10.34
N ARG D 174 12.72 -21.90 -11.21
CA ARG D 174 12.45 -20.96 -12.30
C ARG D 174 11.37 -21.50 -13.21
N CYS D 175 11.34 -22.83 -13.42
CA CYS D 175 10.31 -23.44 -14.25
C CYS D 175 8.95 -23.35 -13.60
N CYS D 176 8.89 -23.62 -12.29
CA CYS D 176 7.64 -23.51 -11.55
C CYS D 176 7.09 -22.09 -11.60
N PHE D 177 7.97 -21.10 -11.42
CA PHE D 177 7.53 -19.73 -11.48
C PHE D 177 7.09 -19.34 -12.89
N LEU D 178 7.81 -19.84 -13.90
CA LEU D 178 7.39 -19.65 -15.28
C LEU D 178 6.03 -20.28 -15.52
N ALA D 179 5.86 -21.52 -15.05
CA ALA D 179 4.59 -22.21 -15.26
C ALA D 179 3.46 -21.47 -14.56
N TYR D 180 3.66 -21.13 -13.29
CA TYR D 180 2.67 -20.40 -12.53
C TYR D 180 2.26 -19.12 -13.24
N HIS D 181 3.24 -18.37 -13.77
CA HIS D 181 2.96 -17.04 -14.30
C HIS D 181 2.13 -17.11 -15.57
N PHE D 182 2.29 -18.17 -16.37
CA PHE D 182 1.51 -18.32 -17.58
C PHE D 182 0.18 -19.00 -17.30
N LYS D 183 -0.25 -18.99 -16.04
CA LYS D 183 -1.56 -19.46 -15.57
C LYS D 183 -1.79 -20.95 -15.85
N ALA D 184 -0.91 -21.77 -15.31
CA ALA D 184 -1.06 -23.21 -15.42
C ALA D 184 -2.06 -23.68 -14.37
N LYS D 185 -2.49 -24.94 -14.49
CA LYS D 185 -3.50 -25.48 -13.59
C LYS D 185 -2.87 -26.21 -12.42
N LYS D 186 -1.96 -27.14 -12.69
CA LYS D 186 -1.32 -27.92 -11.65
C LYS D 186 0.11 -28.21 -12.08
N LEU D 187 0.95 -28.55 -11.10
CA LEU D 187 2.38 -28.76 -11.32
C LEU D 187 2.79 -30.09 -10.73
N ILE D 188 3.23 -31.01 -11.58
CA ILE D 188 3.75 -32.30 -11.16
C ILE D 188 5.25 -32.32 -11.44
N LEU D 189 6.05 -32.40 -10.39
CA LEU D 189 7.49 -32.23 -10.48
C LEU D 189 8.23 -33.56 -10.37
N GLY D 190 9.11 -33.83 -11.33
CA GLY D 190 9.93 -35.02 -11.31
C GLY D 190 11.32 -34.78 -10.75
N GLY D 191 11.49 -33.70 -10.00
CA GLY D 191 12.77 -33.43 -9.35
C GLY D 191 12.76 -33.65 -7.86
N MET D 192 13.95 -33.78 -7.27
CA MET D 192 14.09 -34.02 -5.83
C MET D 192 13.36 -35.28 -5.40
N GLU D 215 28.27 -27.29 1.24
CA GLU D 215 28.86 -26.28 0.38
C GLU D 215 27.96 -25.07 0.21
N ILE D 216 28.20 -24.35 -0.89
CA ILE D 216 27.23 -23.40 -1.41
C ILE D 216 26.15 -24.12 -2.22
N LYS D 217 26.43 -25.36 -2.65
CA LYS D 217 25.48 -26.13 -3.44
C LYS D 217 24.20 -26.39 -2.66
N ILE D 218 24.34 -26.90 -1.44
CA ILE D 218 23.17 -27.19 -0.62
C ILE D 218 22.34 -25.93 -0.42
N LYS D 219 23.01 -24.80 -0.18
CA LYS D 219 22.32 -23.54 0.09
C LYS D 219 21.32 -23.21 -1.01
N LYS D 220 21.71 -23.41 -2.28
CA LYS D 220 20.79 -23.21 -3.38
C LYS D 220 19.58 -24.13 -3.24
N LEU D 221 19.82 -25.40 -2.91
CA LEU D 221 18.72 -26.36 -2.81
C LEU D 221 17.84 -26.10 -1.59
N GLU D 222 18.41 -25.51 -0.53
CA GLU D 222 17.59 -24.97 0.54
C GLU D 222 16.74 -23.80 0.05
N TYR D 223 17.21 -23.09 -0.97
CA TYR D 223 16.46 -21.98 -1.56
C TYR D 223 15.47 -22.47 -2.61
N ALA D 224 15.75 -23.62 -3.24
CA ALA D 224 14.81 -24.20 -4.19
C ALA D 224 13.51 -24.61 -3.49
N LYS D 225 13.61 -25.38 -2.40
CA LYS D 225 12.41 -25.91 -1.76
C LYS D 225 11.67 -24.86 -0.93
N THR D 226 12.34 -23.80 -0.48
CA THR D 226 11.57 -22.73 0.17
C THR D 226 10.68 -22.01 -0.84
N LEU D 227 11.19 -21.78 -2.05
CA LEU D 227 10.42 -21.05 -3.05
C LEU D 227 9.27 -21.88 -3.63
N ILE D 228 9.48 -23.19 -3.83
CA ILE D 228 8.36 -24.04 -4.23
C ILE D 228 7.29 -24.05 -3.14
N ASN D 229 7.72 -24.05 -1.87
CA ASN D 229 6.80 -23.96 -0.74
C ASN D 229 6.00 -22.67 -0.79
N TYR D 230 6.68 -21.57 -1.13
CA TYR D 230 6.00 -20.30 -1.31
C TYR D 230 4.97 -20.40 -2.43
N LEU D 231 5.32 -21.12 -3.52
CA LEU D 231 4.46 -21.18 -4.69
C LEU D 231 3.28 -22.13 -4.51
N LYS D 232 3.41 -23.13 -3.62
CA LYS D 232 2.31 -24.07 -3.36
C LYS D 232 1.04 -23.34 -2.96
N ASP D 233 1.16 -22.20 -2.27
CA ASP D 233 -0.02 -21.50 -1.80
C ASP D 233 -0.77 -20.77 -2.89
N LYS D 234 -0.19 -20.61 -4.08
CA LYS D 234 -0.83 -19.89 -5.17
C LYS D 234 -1.45 -20.84 -6.18
N ILE D 235 -0.65 -21.77 -6.71
CA ILE D 235 -1.14 -22.88 -7.50
C ILE D 235 -0.59 -24.15 -6.87
N GLU D 236 -1.47 -25.12 -6.64
CA GLU D 236 -1.10 -26.24 -5.80
C GLU D 236 -0.19 -27.22 -6.54
N ILE D 237 0.83 -27.69 -5.84
CA ILE D 237 1.95 -28.40 -6.42
C ILE D 237 2.15 -29.69 -5.65
N GLU D 238 2.36 -30.78 -6.37
CA GLU D 238 2.64 -32.09 -5.76
C GLU D 238 3.77 -32.75 -6.57
N PHE D 239 4.69 -33.41 -5.88
CA PHE D 239 5.82 -34.05 -6.53
C PHE D 239 5.61 -35.55 -6.61
N LEU D 240 6.05 -36.13 -7.73
CA LEU D 240 6.12 -37.58 -7.86
C LEU D 240 7.13 -38.14 -6.85
N LYS D 241 6.80 -39.29 -6.29
CA LYS D 241 7.67 -39.96 -5.30
C LYS D 241 7.68 -41.51 -5.41
S SO4 E . -11.80 27.69 -7.62
O1 SO4 E . -10.67 28.53 -7.23
O2 SO4 E . -12.91 28.56 -8.02
O3 SO4 E . -11.41 26.87 -8.76
O4 SO4 E . -12.21 26.84 -6.48
S SO4 F . -7.98 26.32 -13.13
O1 SO4 F . -6.73 25.74 -12.62
O2 SO4 F . -7.70 27.61 -13.80
O3 SO4 F . -8.61 25.40 -14.08
O4 SO4 F . -8.89 26.54 -12.01
S SO4 G . 8.44 -14.14 12.37
O1 SO4 G . 9.54 -13.24 12.67
O2 SO4 G . 7.55 -13.46 11.43
O3 SO4 G . 9.04 -15.32 11.73
O4 SO4 G . 7.73 -14.48 13.60
#